data_5CM0
#
_entry.id   5CM0
#
_cell.length_a   117.650
_cell.length_b   117.650
_cell.length_c   135.980
_cell.angle_alpha   90.00
_cell.angle_beta   90.00
_cell.angle_gamma   120.00
#
_symmetry.space_group_name_H-M   'P 32 2 1'
#
loop_
_entity.id
_entity.type
_entity.pdbx_description
1 polymer 'Branched-chain transaminase'
2 non-polymer "PYRIDOXAL-5'-PHOSPHATE"
3 non-polymer GLYCEROL
4 water water
#
_entity_poly.entity_id   1
_entity_poly.type   'polypeptide(L)'
_entity_poly.pdbx_seq_one_letter_code
;MSELLVYMNGEFVPESQAKVSVFDHGFLYGDGVFEGIRAYNGKVFKLYEHIDRLYDCARVIDLKIPLSKEEFAEAILETL
RRNNLRDAYIRPIVTRGAGDLGLDPRKCPSPNVIIITKPWGKLYGDLYEKGLKAITVAIRRNAIDSLPPNIKSLNYLNNI
LAKIEANAKGGDEAIFLDHNGYISEGSGDNIFIVKNGTITTPPTLNNLKGITRQVVIELINELEIPFREANIGLFDLYSA
DEIFVTGTAAEIAPVTYIDGRTVGNGKPGKVTKMLMEKFRERTENEGVEIYR
;
_entity_poly.pdbx_strand_id   A,B,C
#
# COMPACT_ATOMS: atom_id res chain seq x y z
N GLU A 3 19.65 -17.72 31.48
CA GLU A 3 18.74 -17.42 30.34
C GLU A 3 17.71 -16.38 30.79
N LEU A 4 17.48 -15.35 29.99
CA LEU A 4 16.47 -14.35 30.38
C LEU A 4 15.13 -14.94 30.53
N LEU A 5 14.35 -14.38 31.49
CA LEU A 5 13.02 -14.82 31.76
C LEU A 5 11.97 -13.77 31.21
N VAL A 6 10.85 -14.30 30.71
CA VAL A 6 9.71 -13.56 30.22
C VAL A 6 8.56 -13.70 31.19
N TYR A 7 7.99 -12.55 31.58
CA TYR A 7 6.73 -12.53 32.33
C TYR A 7 5.59 -12.99 31.47
N MET A 8 4.81 -13.95 31.94
CA MET A 8 3.64 -14.47 31.23
C MET A 8 2.54 -14.77 32.22
N ASN A 9 1.60 -13.86 32.33
CA ASN A 9 0.49 -14.02 33.25
C ASN A 9 0.90 -14.38 34.68
N GLY A 10 1.94 -13.72 35.17
CA GLY A 10 2.40 -13.90 36.54
C GLY A 10 3.56 -14.87 36.67
N GLU A 11 3.78 -15.77 35.70
CA GLU A 11 4.89 -16.75 35.71
C GLU A 11 6.14 -16.15 35.03
N PHE A 12 7.35 -16.58 35.40
CA PHE A 12 8.56 -16.16 34.73
C PHE A 12 9.11 -17.34 33.98
N VAL A 13 9.19 -17.23 32.65
CA VAL A 13 9.42 -18.36 31.78
C VAL A 13 10.69 -18.11 30.99
N PRO A 14 11.59 -19.13 30.91
CA PRO A 14 12.77 -18.98 30.08
C PRO A 14 12.37 -18.59 28.66
N GLU A 15 13.10 -17.66 28.08
CA GLU A 15 12.86 -17.05 26.78
C GLU A 15 12.54 -18.08 25.73
N SER A 16 13.39 -19.10 25.66
CA SER A 16 13.27 -20.19 24.71
C SER A 16 11.98 -20.91 24.85
N GLN A 17 11.30 -20.86 26.00
CA GLN A 17 10.00 -21.52 26.14
C GLN A 17 8.81 -20.57 26.29
N ALA A 18 9.07 -19.29 26.14
CA ALA A 18 8.02 -18.29 26.22
C ALA A 18 7.24 -18.26 24.87
N LYS A 19 6.06 -18.85 24.88
CA LYS A 19 5.25 -19.09 23.72
C LYS A 19 3.80 -18.86 24.04
N VAL A 20 3.03 -18.49 23.03
CA VAL A 20 1.61 -18.22 23.27
C VAL A 20 0.80 -19.17 22.37
N SER A 21 -0.42 -19.51 22.80
CA SER A 21 -1.31 -20.35 22.01
C SER A 21 -1.44 -19.74 20.61
N VAL A 22 -1.35 -20.60 19.58
CA VAL A 22 -1.72 -20.18 18.25
C VAL A 22 -3.19 -19.71 18.13
N PHE A 23 -4.03 -20.01 19.11
CA PHE A 23 -5.45 -19.54 19.19
C PHE A 23 -5.66 -18.16 19.80
N ASP A 24 -4.63 -17.61 20.39
CA ASP A 24 -4.66 -16.24 20.89
C ASP A 24 -4.94 -15.26 19.71
N HIS A 25 -5.95 -14.43 19.89
CA HIS A 25 -6.29 -13.45 18.86
C HIS A 25 -5.19 -12.40 18.64
N GLY A 26 -4.30 -12.28 19.60
CA GLY A 26 -3.08 -11.56 19.41
C GLY A 26 -2.25 -12.04 18.28
N PHE A 27 -2.18 -13.36 18.12
CA PHE A 27 -1.46 -13.95 17.03
C PHE A 27 -2.34 -13.99 15.80
N LEU A 28 -3.58 -14.45 15.93
CA LEU A 28 -4.44 -14.64 14.78
C LEU A 28 -4.74 -13.32 14.03
N TYR A 29 -4.89 -12.21 14.78
CA TYR A 29 -5.46 -10.97 14.23
C TYR A 29 -4.72 -9.73 14.65
N GLY A 30 -3.59 -9.89 15.35
CA GLY A 30 -2.83 -8.77 15.93
C GLY A 30 -3.67 -7.99 16.91
N ASP A 31 -4.46 -8.73 17.57
CA ASP A 31 -5.49 -8.09 18.40
C ASP A 31 -5.00 -7.81 19.84
N GLY A 32 -4.14 -6.78 20.07
CA GLY A 32 -3.51 -6.47 21.31
C GLY A 32 -2.79 -5.17 21.22
N VAL A 33 -2.15 -4.77 22.30
CA VAL A 33 -1.42 -3.51 22.36
C VAL A 33 -0.05 -3.76 22.96
N PHE A 34 0.86 -2.85 22.69
CA PHE A 34 2.21 -2.95 23.21
C PHE A 34 2.86 -1.62 23.56
N GLU A 35 3.90 -1.72 24.38
CA GLU A 35 4.73 -0.60 24.66
C GLU A 35 6.21 -0.90 24.45
N GLY A 36 6.96 0.14 24.49
CA GLY A 36 8.40 0.13 24.44
C GLY A 36 8.92 1.08 25.54
N ILE A 37 9.80 0.60 26.43
CA ILE A 37 10.32 1.35 27.61
C ILE A 37 11.83 1.08 27.78
N ARG A 38 12.59 2.11 28.13
CA ARG A 38 14.04 1.98 28.43
C ARG A 38 14.33 2.02 29.93
N ALA A 39 15.28 1.20 30.35
CA ALA A 39 15.89 1.36 31.72
C ALA A 39 17.33 1.79 31.52
N TYR A 40 17.75 2.78 32.30
CA TYR A 40 19.04 3.41 32.14
C TYR A 40 19.66 3.29 33.55
N ASN A 41 20.75 2.56 33.65
CA ASN A 41 21.52 2.49 34.92
C ASN A 41 20.67 2.25 36.19
N GLY A 42 19.80 1.25 36.13
CA GLY A 42 18.91 0.80 37.18
C GLY A 42 17.64 1.61 37.46
N LYS A 43 17.28 2.55 36.55
CA LYS A 43 16.00 3.36 36.67
C LYS A 43 15.23 3.18 35.38
N VAL A 44 13.90 3.05 35.44
CA VAL A 44 13.07 2.99 34.21
C VAL A 44 12.65 4.41 33.88
N PHE A 45 12.98 4.87 32.65
CA PHE A 45 12.64 6.18 32.15
C PHE A 45 11.17 6.24 31.71
N LYS A 46 10.40 7.14 32.33
CA LYS A 46 9.04 7.43 31.90
C LYS A 46 8.16 6.27 31.99
N LEU A 47 8.33 5.48 33.07
CA LEU A 47 7.56 4.27 33.25
C LEU A 47 6.03 4.49 33.24
N TYR A 48 5.62 5.49 34.05
CA TYR A 48 4.19 5.71 34.22
C TYR A 48 3.53 6.28 32.93
N GLU A 49 4.23 7.12 32.18
CA GLU A 49 3.66 7.65 30.94
C GLU A 49 3.46 6.47 29.95
N HIS A 50 4.41 5.52 29.92
CA HIS A 50 4.20 4.28 29.11
C HIS A 50 3.07 3.39 29.51
N ILE A 51 2.91 3.19 30.80
CA ILE A 51 1.80 2.39 31.26
C ILE A 51 0.47 3.11 30.94
N ASP A 52 0.44 4.41 31.16
CA ASP A 52 -0.81 5.14 30.98
C ASP A 52 -1.23 5.03 29.49
N ARG A 53 -0.26 5.12 28.61
CA ARG A 53 -0.55 4.96 27.17
C ARG A 53 -1.04 3.59 26.85
N LEU A 54 -0.39 2.54 27.41
CA LEU A 54 -0.87 1.20 27.22
C LEU A 54 -2.34 1.05 27.57
N TYR A 55 -2.73 1.63 28.72
CA TYR A 55 -4.11 1.47 29.21
C TYR A 55 -5.07 2.28 28.28
N ASP A 56 -4.63 3.46 27.79
CA ASP A 56 -5.42 4.14 26.79
C ASP A 56 -5.61 3.36 25.52
N CYS A 57 -4.53 2.83 24.95
CA CYS A 57 -4.66 2.04 23.72
C CYS A 57 -5.56 0.85 23.93
N ALA A 58 -5.40 0.15 25.06
CA ALA A 58 -6.31 -1.00 25.37
C ALA A 58 -7.78 -0.53 25.42
N ARG A 59 -8.02 0.63 26.03
CA ARG A 59 -9.41 1.12 26.10
C ARG A 59 -9.98 1.39 24.68
N VAL A 60 -9.15 1.94 23.81
CA VAL A 60 -9.60 2.25 22.45
C VAL A 60 -10.00 0.97 21.69
N ILE A 61 -9.26 -0.14 21.91
CA ILE A 61 -9.63 -1.43 21.30
C ILE A 61 -10.53 -2.26 22.22
N ASP A 62 -11.02 -1.63 23.27
CA ASP A 62 -12.09 -2.24 24.14
C ASP A 62 -11.57 -3.47 24.85
N LEU A 63 -10.31 -3.40 25.33
CA LEU A 63 -9.64 -4.54 25.99
C LEU A 63 -9.38 -4.18 27.42
N LYS A 64 -9.87 -5.00 28.34
CA LYS A 64 -9.63 -4.73 29.77
C LYS A 64 -8.35 -5.47 30.16
N ILE A 65 -7.35 -4.73 30.59
CA ILE A 65 -6.11 -5.30 31.04
C ILE A 65 -6.40 -5.87 32.46
N PRO A 66 -6.08 -7.15 32.73
CA PRO A 66 -6.43 -7.76 34.04
C PRO A 66 -5.42 -7.49 35.18
N LEU A 67 -4.89 -6.28 35.25
CA LEU A 67 -4.00 -5.83 36.28
C LEU A 67 -4.32 -4.39 36.46
N SER A 68 -4.25 -3.91 37.70
CA SER A 68 -4.29 -2.50 37.92
C SER A 68 -3.03 -1.86 37.33
N LYS A 69 -3.04 -0.54 37.11
CA LYS A 69 -1.82 0.11 36.65
C LYS A 69 -0.67 -0.07 37.60
N GLU A 70 -0.98 0.02 38.90
CA GLU A 70 0.05 -0.20 39.90
C GLU A 70 0.61 -1.61 39.81
N GLU A 71 -0.25 -2.63 39.67
CA GLU A 71 0.31 -3.97 39.55
C GLU A 71 1.19 -4.14 38.26
N PHE A 72 0.81 -3.42 37.21
CA PHE A 72 1.56 -3.53 35.93
C PHE A 72 2.91 -2.96 36.16
N ALA A 73 3.00 -1.82 36.85
CA ALA A 73 4.27 -1.22 37.17
C ALA A 73 5.17 -2.18 37.97
N GLU A 74 4.58 -2.87 38.92
CA GLU A 74 5.34 -3.81 39.76
C GLU A 74 5.87 -5.01 38.95
N ALA A 75 5.02 -5.49 38.04
CA ALA A 75 5.35 -6.62 37.17
C ALA A 75 6.52 -6.28 36.26
N ILE A 76 6.54 -5.06 35.71
CA ILE A 76 7.66 -4.62 34.90
C ILE A 76 8.94 -4.58 35.74
N LEU A 77 8.87 -3.93 36.90
CA LEU A 77 10.06 -3.83 37.73
C LEU A 77 10.54 -5.23 38.21
N GLU A 78 9.62 -6.12 38.53
CA GLU A 78 9.99 -7.44 38.98
C GLU A 78 10.66 -8.25 37.88
N THR A 79 10.24 -8.06 36.62
CA THR A 79 10.80 -8.82 35.53
C THR A 79 12.24 -8.38 35.29
N LEU A 80 12.47 -7.07 35.33
CA LEU A 80 13.80 -6.55 35.29
C LEU A 80 14.71 -7.09 36.41
N ARG A 81 14.15 -7.19 37.60
CA ARG A 81 14.91 -7.66 38.77
C ARG A 81 15.29 -9.13 38.64
N ARG A 82 14.32 -9.94 38.28
CA ARG A 82 14.54 -11.37 38.04
C ARG A 82 15.61 -11.61 37.01
N ASN A 83 15.74 -10.70 36.04
CA ASN A 83 16.82 -10.79 35.10
C ASN A 83 18.08 -10.07 35.43
N ASN A 84 18.17 -9.50 36.62
CA ASN A 84 19.33 -8.67 36.89
C ASN A 84 19.72 -7.59 35.96
N LEU A 85 18.72 -6.93 35.35
CA LEU A 85 19.02 -5.93 34.38
C LEU A 85 19.11 -4.53 34.99
N ARG A 86 19.98 -3.72 34.46
CA ARG A 86 20.04 -2.28 34.76
C ARG A 86 19.90 -1.39 33.52
N ASP A 87 20.47 -1.80 32.39
CA ASP A 87 20.27 -1.15 31.09
C ASP A 87 19.51 -2.08 30.19
N ALA A 88 18.26 -1.69 29.86
CA ALA A 88 17.35 -2.64 29.22
C ALA A 88 16.30 -1.96 28.35
N TYR A 89 15.75 -2.76 27.47
CA TYR A 89 14.56 -2.37 26.68
C TYR A 89 13.49 -3.29 27.09
N ILE A 90 12.29 -2.77 27.35
CA ILE A 90 11.19 -3.53 27.90
C ILE A 90 10.02 -3.48 26.93
N ARG A 91 9.44 -4.62 26.62
CA ARG A 91 8.27 -4.73 25.72
C ARG A 91 7.10 -5.39 26.40
N PRO A 92 6.20 -4.61 27.09
CA PRO A 92 4.95 -5.13 27.52
C PRO A 92 4.00 -5.32 26.39
N ILE A 93 3.27 -6.41 26.46
CA ILE A 93 2.21 -6.70 25.50
C ILE A 93 0.97 -7.21 26.26
N VAL A 94 -0.23 -6.76 25.87
CA VAL A 94 -1.49 -7.35 26.29
C VAL A 94 -2.28 -7.75 25.08
N THR A 95 -2.73 -9.00 25.04
CA THR A 95 -3.53 -9.48 23.97
C THR A 95 -4.92 -9.81 24.44
N ARG A 96 -5.79 -9.93 23.45
CA ARG A 96 -7.17 -10.36 23.66
C ARG A 96 -7.27 -11.77 24.24
N GLY A 97 -6.28 -12.62 24.02
CA GLY A 97 -6.33 -14.05 24.43
C GLY A 97 -7.12 -14.87 23.41
N ALA A 98 -7.33 -16.14 23.73
CA ALA A 98 -8.05 -17.07 22.84
C ALA A 98 -9.56 -16.98 22.96
N GLY A 99 -10.29 -17.43 21.92
CA GLY A 99 -11.77 -17.40 21.90
C GLY A 99 -12.32 -18.41 20.90
N ASP A 100 -13.39 -18.07 20.17
CA ASP A 100 -13.71 -18.79 18.90
C ASP A 100 -12.54 -18.50 17.90
N LEU A 101 -12.53 -19.20 16.78
CA LEU A 101 -11.54 -18.98 15.76
C LEU A 101 -11.89 -17.68 15.00
N GLY A 102 -13.16 -17.29 14.94
CA GLY A 102 -13.58 -16.03 14.33
C GLY A 102 -13.14 -14.75 15.07
N LEU A 103 -13.50 -13.59 14.50
CA LEU A 103 -13.10 -12.22 14.96
C LEU A 103 -13.57 -11.76 16.30
N ASP A 104 -14.76 -12.23 16.67
CA ASP A 104 -15.54 -11.57 17.72
C ASP A 104 -14.85 -11.62 19.05
N PRO A 105 -14.48 -10.43 19.58
CA PRO A 105 -13.78 -10.39 20.87
C PRO A 105 -14.66 -10.78 22.08
N ARG A 106 -15.99 -10.83 21.93
CA ARG A 106 -16.85 -11.24 23.06
C ARG A 106 -16.68 -12.68 23.51
N LYS A 107 -16.15 -13.49 22.61
CA LYS A 107 -15.93 -14.89 22.85
C LYS A 107 -14.53 -15.12 23.54
N CYS A 108 -13.82 -14.04 23.92
CA CYS A 108 -12.44 -14.10 24.42
C CYS A 108 -12.44 -13.69 25.89
N PRO A 109 -12.49 -14.69 26.80
CA PRO A 109 -12.68 -14.36 28.24
C PRO A 109 -11.43 -13.97 28.96
N SER A 110 -10.30 -14.26 28.39
CA SER A 110 -9.15 -14.08 29.19
C SER A 110 -7.94 -13.45 28.49
N PRO A 111 -7.63 -12.25 28.63
CA PRO A 111 -6.45 -11.63 28.04
C PRO A 111 -5.13 -12.17 28.54
N ASN A 112 -4.10 -12.06 27.72
CA ASN A 112 -2.77 -12.48 28.06
C ASN A 112 -1.89 -11.29 28.32
N VAL A 113 -1.09 -11.28 29.41
CA VAL A 113 -0.12 -10.20 29.70
C VAL A 113 1.27 -10.79 29.62
N ILE A 114 2.10 -10.17 28.81
CA ILE A 114 3.44 -10.61 28.55
C ILE A 114 4.40 -9.43 28.71
N ILE A 115 5.54 -9.64 29.34
CA ILE A 115 6.54 -8.62 29.43
C ILE A 115 7.92 -9.21 29.10
N ILE A 116 8.55 -8.69 28.04
CA ILE A 116 9.82 -9.07 27.52
C ILE A 116 10.82 -8.04 27.98
N THR A 117 11.93 -8.49 28.59
CA THR A 117 13.02 -7.53 28.84
C THR A 117 14.28 -8.00 28.12
N LYS A 118 14.95 -7.09 27.46
CA LYS A 118 16.26 -7.37 26.82
C LYS A 118 17.34 -6.46 27.31
N PRO A 119 18.59 -6.94 27.34
CA PRO A 119 19.67 -6.02 27.68
C PRO A 119 19.85 -5.00 26.63
N TRP A 120 20.27 -3.81 27.03
CA TRP A 120 20.66 -2.80 26.12
C TRP A 120 22.18 -2.70 26.24
N GLU A 129 29.93 12.29 14.87
CA GLU A 129 28.54 11.90 15.03
C GLU A 129 27.88 11.90 13.61
N LYS A 130 27.17 10.81 13.29
CA LYS A 130 26.61 10.60 11.95
C LYS A 130 25.09 10.36 12.09
N GLY A 131 24.37 10.92 11.15
CA GLY A 131 22.88 10.81 11.11
C GLY A 131 22.34 9.70 10.21
N LEU A 132 21.01 9.54 10.25
CA LEU A 132 20.26 8.62 9.43
C LEU A 132 20.02 9.21 8.09
N LYS A 133 19.93 8.33 7.12
CA LYS A 133 19.48 8.69 5.76
C LYS A 133 17.99 8.28 5.71
N ALA A 134 17.10 9.24 5.45
CA ALA A 134 15.65 8.97 5.46
C ALA A 134 15.13 8.95 4.05
N ILE A 135 14.09 8.19 3.84
CA ILE A 135 13.39 8.25 2.55
C ILE A 135 11.89 8.27 2.81
N THR A 136 11.21 9.02 1.99
CA THR A 136 9.76 9.08 2.03
C THR A 136 9.20 7.95 1.24
N VAL A 137 8.14 7.35 1.78
CA VAL A 137 7.58 6.17 1.23
C VAL A 137 6.31 6.44 0.45
N ALA A 138 6.02 5.54 -0.48
CA ALA A 138 4.76 5.62 -1.23
C ALA A 138 3.53 5.31 -0.38
N ILE A 139 3.64 4.31 0.47
CA ILE A 139 2.56 3.86 1.32
C ILE A 139 2.27 4.96 2.38
N ARG A 140 0.99 5.25 2.58
CA ARG A 140 0.59 6.28 3.52
C ARG A 140 0.40 5.68 4.89
N ARG A 141 0.44 6.55 5.91
CA ARG A 141 0.11 6.08 7.29
C ARG A 141 -1.31 5.56 7.38
N ASN A 142 -1.53 4.56 8.23
CA ASN A 142 -2.90 4.09 8.57
C ASN A 142 -3.79 5.36 8.94
N ALA A 143 -4.98 5.43 8.39
CA ALA A 143 -5.82 6.65 8.54
C ALA A 143 -6.49 6.70 9.90
N ILE A 144 -6.75 7.90 10.37
CA ILE A 144 -7.36 8.14 11.69
C ILE A 144 -8.77 7.60 11.84
N ASP A 145 -9.45 7.33 10.75
CA ASP A 145 -10.79 6.66 10.84
C ASP A 145 -10.88 5.27 10.26
N SER A 146 -9.72 4.61 10.13
CA SER A 146 -9.67 3.18 9.79
C SER A 146 -8.92 2.33 10.81
N LEU A 147 -7.70 2.72 11.08
CA LEU A 147 -6.86 2.04 12.05
C LEU A 147 -6.04 3.14 12.70
N PRO A 148 -6.65 3.82 13.67
CA PRO A 148 -6.04 5.05 14.19
C PRO A 148 -4.58 4.87 14.61
N PRO A 149 -3.68 5.69 14.03
CA PRO A 149 -2.23 5.45 14.25
C PRO A 149 -1.83 5.68 15.69
N ASN A 150 -2.64 6.42 16.44
CA ASN A 150 -2.32 6.63 17.85
C ASN A 150 -2.36 5.33 18.69
N ILE A 151 -3.04 4.28 18.21
CA ILE A 151 -3.02 2.93 18.93
C ILE A 151 -1.71 2.26 18.67
N LYS A 152 -0.93 1.99 19.73
CA LYS A 152 0.31 1.24 19.55
C LYS A 152 -0.14 -0.20 19.65
N SER A 153 -0.67 -0.74 18.57
CA SER A 153 -1.23 -2.06 18.56
C SER A 153 -0.27 -3.08 17.90
N LEU A 154 -0.70 -4.34 17.94
CA LEU A 154 0.09 -5.37 17.29
C LEU A 154 -0.16 -5.41 15.80
N ASN A 155 -1.01 -4.53 15.26
CA ASN A 155 -1.14 -4.44 13.80
C ASN A 155 -0.10 -3.49 13.31
N TYR A 156 1.10 -3.98 13.01
CA TYR A 156 2.25 -3.15 12.58
C TYR A 156 2.70 -3.35 11.11
N LEU A 157 1.83 -3.93 10.29
CA LEU A 157 2.22 -4.18 8.89
C LEU A 157 2.30 -2.89 8.07
N ASN A 158 1.47 -1.88 8.41
CA ASN A 158 1.69 -0.51 7.82
C ASN A 158 3.11 -0.07 7.96
N ASN A 159 3.63 -0.23 9.17
CA ASN A 159 4.93 0.22 9.48
C ASN A 159 5.99 -0.67 8.81
N ILE A 160 5.73 -1.96 8.80
CA ILE A 160 6.67 -2.91 8.15
C ILE A 160 6.70 -2.71 6.62
N LEU A 161 5.53 -2.46 6.00
CA LEU A 161 5.53 -2.12 4.59
C LEU A 161 6.41 -0.93 4.28
N ALA A 162 6.36 0.08 5.15
CA ALA A 162 7.23 1.25 5.00
C ALA A 162 8.69 0.89 5.14
N LYS A 163 9.00 0.04 6.13
CA LYS A 163 10.38 -0.34 6.35
C LYS A 163 10.94 -1.14 5.12
N ILE A 164 10.11 -1.99 4.54
CA ILE A 164 10.49 -2.74 3.31
C ILE A 164 10.85 -1.77 2.20
N GLU A 165 10.04 -0.70 1.99
CA GLU A 165 10.42 0.36 1.08
C GLU A 165 11.72 0.99 1.38
N ALA A 166 11.95 1.38 2.64
CA ALA A 166 13.20 2.03 3.00
C ALA A 166 14.43 1.09 2.75
N ASN A 167 14.26 -0.17 3.09
CA ASN A 167 15.29 -1.19 2.89
C ASN A 167 15.65 -1.27 1.40
N ALA A 168 14.65 -1.19 0.51
CA ALA A 168 14.90 -1.31 -0.94
C ALA A 168 15.39 -0.03 -1.56
N LYS A 169 15.17 1.08 -0.90
CA LYS A 169 15.38 2.38 -1.47
C LYS A 169 16.50 3.16 -0.87
N GLY A 170 17.38 2.50 -0.15
CA GLY A 170 18.60 3.17 0.37
C GLY A 170 18.39 4.02 1.64
N GLY A 171 17.33 3.75 2.39
CA GLY A 171 17.02 4.52 3.60
C GLY A 171 17.24 3.69 4.86
N ASP A 172 17.80 4.31 5.88
CA ASP A 172 17.81 3.80 7.24
C ASP A 172 16.40 3.92 7.90
N GLU A 173 15.65 4.93 7.50
CA GLU A 173 14.36 5.26 8.16
C GLU A 173 13.37 5.61 7.06
N ALA A 174 12.18 5.05 7.16
CA ALA A 174 11.12 5.38 6.24
C ALA A 174 10.32 6.57 6.87
N ILE A 175 9.93 7.53 6.05
CA ILE A 175 9.05 8.67 6.48
C ILE A 175 7.69 8.59 5.79
N PHE A 176 6.64 8.45 6.58
CA PHE A 176 5.29 8.45 6.11
C PHE A 176 4.70 9.87 5.93
N LEU A 177 3.91 10.01 4.86
CA LEU A 177 2.86 10.99 4.75
C LEU A 177 1.52 10.36 5.08
N ASP A 178 0.54 11.20 5.35
CA ASP A 178 -0.83 10.75 5.50
C ASP A 178 -1.61 11.01 4.23
N HIS A 179 -2.90 10.70 4.22
CA HIS A 179 -3.71 10.77 2.98
C HIS A 179 -3.87 12.22 2.50
N ASN A 180 -3.80 13.21 3.42
CA ASN A 180 -3.87 14.58 3.05
C ASN A 180 -2.58 15.09 2.41
N GLY A 181 -1.52 14.32 2.46
CA GLY A 181 -0.18 14.81 2.06
C GLY A 181 0.65 15.46 3.14
N TYR A 182 0.16 15.42 4.40
CA TYR A 182 0.87 15.95 5.56
C TYR A 182 1.93 14.93 5.98
N ILE A 183 3.07 15.43 6.42
CA ILE A 183 4.07 14.54 7.01
C ILE A 183 3.42 13.93 8.23
N SER A 184 3.68 12.63 8.46
CA SER A 184 3.17 11.97 9.62
C SER A 184 4.28 11.71 10.65
N GLU A 185 5.14 10.74 10.34
CA GLU A 185 6.21 10.30 11.22
C GLU A 185 7.07 9.28 10.50
N GLY A 186 8.17 8.86 11.15
CA GLY A 186 8.90 7.63 10.75
C GLY A 186 8.09 6.39 11.00
N SER A 187 8.62 5.24 10.57
CA SER A 187 7.93 3.99 10.75
C SER A 187 7.79 3.59 12.20
N GLY A 188 8.70 4.07 13.06
CA GLY A 188 8.57 3.83 14.46
C GLY A 188 9.02 4.98 15.35
N ASP A 189 9.05 6.21 14.83
CA ASP A 189 9.58 7.35 15.54
C ASP A 189 8.84 8.58 15.07
N ASN A 190 8.63 9.55 15.97
CA ASN A 190 8.11 10.87 15.54
C ASN A 190 9.15 11.76 14.87
N ILE A 191 8.68 12.77 14.12
CA ILE A 191 9.58 13.60 13.34
C ILE A 191 9.50 15.13 13.71
N PHE A 192 10.66 15.76 13.74
CA PHE A 192 10.82 17.19 13.97
C PHE A 192 11.70 17.80 12.91
N ILE A 193 11.39 19.03 12.50
CA ILE A 193 12.26 19.80 11.68
C ILE A 193 12.66 21.14 12.34
N VAL A 194 13.77 21.71 11.86
CA VAL A 194 14.28 22.99 12.35
C VAL A 194 14.52 23.82 11.17
N LYS A 195 14.00 25.05 11.16
CA LYS A 195 14.14 25.97 10.03
C LYS A 195 14.26 27.41 10.57
N ASN A 196 15.37 28.03 10.22
CA ASN A 196 15.68 29.40 10.68
C ASN A 196 15.43 29.61 12.22
N GLY A 197 15.86 28.64 13.02
CA GLY A 197 15.75 28.74 14.47
C GLY A 197 14.45 28.32 15.09
N THR A 198 13.43 28.01 14.28
CA THR A 198 12.18 27.51 14.79
C THR A 198 12.02 25.99 14.59
N ILE A 199 11.51 25.31 15.60
CA ILE A 199 11.26 23.86 15.53
C ILE A 199 9.76 23.67 15.28
N THR A 200 9.43 22.80 14.32
CA THR A 200 8.06 22.39 14.03
C THR A 200 7.96 20.84 14.09
N THR A 201 6.85 20.33 14.63
CA THR A 201 6.54 18.92 14.57
C THR A 201 5.07 18.77 14.31
N PRO A 202 4.66 17.71 13.56
CA PRO A 202 3.26 17.52 13.30
C PRO A 202 2.47 17.39 14.58
N PRO A 203 1.23 17.86 14.59
CA PRO A 203 0.26 17.48 15.65
C PRO A 203 0.21 15.97 15.73
N THR A 204 -0.10 15.41 16.87
CA THR A 204 -0.08 13.93 16.98
C THR A 204 -1.18 13.13 16.28
N LEU A 205 -2.29 13.79 15.90
CA LEU A 205 -3.43 13.08 15.38
C LEU A 205 -3.09 12.06 14.27
N ASN A 206 -2.28 12.43 13.29
CA ASN A 206 -1.98 11.45 12.21
C ASN A 206 -0.80 10.51 12.43
N ASN A 207 -0.25 10.49 13.65
CA ASN A 207 0.96 9.72 14.01
C ASN A 207 0.71 9.08 15.34
N LEU A 208 1.52 9.35 16.35
CA LEU A 208 1.41 8.68 17.61
C LEU A 208 1.95 9.63 18.68
N LYS A 209 1.28 9.63 19.82
CA LYS A 209 1.66 10.53 20.89
C LYS A 209 2.90 10.05 21.61
N GLY A 210 4.04 10.29 21.00
CA GLY A 210 5.30 9.74 21.50
C GLY A 210 5.67 10.26 22.89
N ILE A 211 6.25 9.39 23.72
CA ILE A 211 6.77 9.83 25.06
C ILE A 211 8.06 10.59 24.86
N THR A 212 8.90 10.12 23.93
CA THR A 212 10.13 10.82 23.61
C THR A 212 9.83 12.18 23.04
N ARG A 213 8.93 12.23 22.06
CA ARG A 213 8.52 13.52 21.48
C ARG A 213 8.06 14.55 22.64
N GLN A 214 7.20 14.09 23.54
CA GLN A 214 6.74 14.93 24.67
C GLN A 214 7.93 15.45 25.53
N VAL A 215 8.85 14.57 25.95
CA VAL A 215 10.07 15.00 26.62
C VAL A 215 10.81 16.02 25.82
N VAL A 216 10.94 15.80 24.50
CA VAL A 216 11.70 16.74 23.72
C VAL A 216 10.99 18.12 23.67
N ILE A 217 9.67 18.14 23.59
CA ILE A 217 8.96 19.44 23.60
C ILE A 217 9.22 20.19 24.91
N GLU A 218 9.21 19.41 25.99
CA GLU A 218 9.57 19.99 27.27
C GLU A 218 10.93 20.57 27.28
N LEU A 219 11.92 19.87 26.74
CA LEU A 219 13.30 20.43 26.60
C LEU A 219 13.41 21.67 25.72
N ILE A 220 12.62 21.67 24.65
CA ILE A 220 12.54 22.81 23.78
C ILE A 220 12.02 24.06 24.52
N ASN A 221 11.00 23.83 25.30
CA ASN A 221 10.36 24.91 26.03
C ASN A 221 11.23 25.40 27.18
N GLU A 222 12.01 24.52 27.81
CA GLU A 222 13.05 24.96 28.75
C GLU A 222 14.14 25.79 28.11
N LEU A 223 14.58 25.38 26.93
CA LEU A 223 15.59 26.15 26.20
C LEU A 223 15.03 27.44 25.55
N GLU A 224 13.72 27.66 25.64
CA GLU A 224 13.07 28.80 24.97
C GLU A 224 13.36 28.93 23.45
N ILE A 225 13.36 27.80 22.79
CA ILE A 225 13.58 27.81 21.36
C ILE A 225 12.16 27.93 20.76
N PRO A 226 11.94 28.82 19.78
CA PRO A 226 10.63 28.91 19.22
C PRO A 226 10.13 27.58 18.62
N PHE A 227 8.88 27.22 18.93
CA PHE A 227 8.34 25.91 18.67
C PHE A 227 6.92 26.00 18.14
N ARG A 228 6.57 25.16 17.17
CA ARG A 228 5.21 25.11 16.62
C ARG A 228 4.85 23.66 16.46
N GLU A 229 3.62 23.35 16.76
CA GLU A 229 3.00 22.12 16.43
C GLU A 229 2.08 22.38 15.32
N ALA A 230 2.42 21.96 14.11
CA ALA A 230 1.70 22.37 12.93
C ALA A 230 1.93 21.32 11.82
N ASN A 231 0.91 21.14 10.99
CA ASN A 231 1.09 20.27 9.82
C ASN A 231 2.12 20.86 8.86
N ILE A 232 2.91 19.96 8.33
CA ILE A 232 3.98 20.26 7.37
C ILE A 232 3.93 19.35 6.15
N GLY A 233 4.60 19.73 5.08
CA GLY A 233 4.59 18.91 3.88
C GLY A 233 6.03 18.65 3.36
N LEU A 234 6.10 18.02 2.20
CA LEU A 234 7.42 17.75 1.60
C LEU A 234 8.26 18.99 1.42
N PHE A 235 7.64 20.08 1.03
CA PHE A 235 8.40 21.35 0.86
C PHE A 235 9.21 21.70 2.13
N ASP A 236 8.58 21.53 3.29
CA ASP A 236 9.17 21.76 4.62
C ASP A 236 10.28 20.80 4.88
N LEU A 237 10.12 19.50 4.55
CA LEU A 237 11.22 18.55 4.77
C LEU A 237 12.42 18.83 3.92
N TYR A 238 12.15 19.13 2.64
CA TYR A 238 13.21 19.38 1.71
C TYR A 238 13.90 20.72 1.86
N SER A 239 13.35 21.64 2.64
CA SER A 239 14.07 22.93 2.86
C SER A 239 14.56 23.08 4.28
N ALA A 240 14.32 22.09 5.12
CA ALA A 240 14.70 22.18 6.57
C ALA A 240 16.23 22.39 6.73
N ASP A 241 16.60 23.14 7.74
CA ASP A 241 17.99 23.22 8.19
C ASP A 241 18.45 21.96 8.95
N GLU A 242 17.58 21.38 9.77
CA GLU A 242 17.86 20.12 10.48
C GLU A 242 16.60 19.30 10.53
N ILE A 243 16.77 17.98 10.56
CA ILE A 243 15.66 17.06 10.83
C ILE A 243 16.15 16.08 11.87
N PHE A 244 15.24 15.65 12.75
CA PHE A 244 15.54 14.55 13.64
C PHE A 244 14.31 13.74 13.92
N VAL A 245 14.47 12.49 14.32
CA VAL A 245 13.38 11.72 14.73
C VAL A 245 13.52 11.29 16.17
N THR A 246 12.40 10.88 16.79
CA THR A 246 12.45 10.53 18.21
C THR A 246 11.72 9.29 18.53
N GLY A 247 12.21 8.50 19.50
CA GLY A 247 11.51 7.34 20.03
C GLY A 247 12.30 6.68 21.14
N THR A 248 11.68 5.70 21.78
CA THR A 248 12.29 5.14 22.98
C THR A 248 13.65 4.48 22.66
N ALA A 249 13.67 3.67 21.61
CA ALA A 249 14.92 3.01 21.24
C ALA A 249 15.95 3.91 20.60
N ALA A 250 15.55 4.75 19.68
CA ALA A 250 16.48 5.64 19.00
C ALA A 250 16.85 6.83 19.77
N GLU A 251 16.05 7.17 20.78
CA GLU A 251 16.23 8.46 21.49
C GLU A 251 16.02 9.61 20.55
N ILE A 252 16.93 10.56 20.47
CA ILE A 252 16.90 11.57 19.44
C ILE A 252 17.95 11.20 18.36
N ALA A 253 17.48 10.94 17.13
CA ALA A 253 18.33 10.56 16.00
C ALA A 253 18.32 11.59 14.91
N PRO A 254 19.46 12.25 14.67
CA PRO A 254 19.56 13.15 13.56
C PRO A 254 19.33 12.46 12.24
N VAL A 255 18.69 13.19 11.35
CA VAL A 255 18.45 12.78 9.98
C VAL A 255 19.24 13.69 9.11
N THR A 256 20.31 13.14 8.49
CA THR A 256 21.25 13.96 7.74
C THR A 256 21.03 13.96 6.23
N TYR A 257 20.22 13.04 5.72
CA TYR A 257 19.83 13.03 4.34
C TYR A 257 18.36 12.68 4.24
N ILE A 258 17.69 13.25 3.27
CA ILE A 258 16.29 12.98 2.99
C ILE A 258 16.12 12.80 1.49
N ASP A 259 15.65 11.62 1.11
CA ASP A 259 15.46 11.30 -0.29
C ASP A 259 16.83 11.59 -1.05
N GLY A 260 17.93 11.14 -0.47
CA GLY A 260 19.29 11.40 -1.00
C GLY A 260 19.81 12.84 -0.91
N ARG A 261 18.93 13.83 -0.59
CA ARG A 261 19.24 15.25 -0.42
C ARG A 261 19.92 15.53 0.93
N THR A 262 20.97 16.33 0.89
CA THR A 262 21.78 16.57 2.09
C THR A 262 21.02 17.54 3.00
N VAL A 263 20.89 17.24 4.29
CA VAL A 263 20.22 18.16 5.22
C VAL A 263 21.37 19.01 5.89
N GLY A 264 21.34 20.31 5.69
CA GLY A 264 22.51 21.20 6.10
C GLY A 264 23.83 20.74 5.50
N ASN A 265 24.81 20.42 6.32
CA ASN A 265 26.12 19.99 5.85
C ASN A 265 26.30 18.48 5.93
N GLY A 266 25.21 17.75 6.19
CA GLY A 266 25.27 16.34 6.32
C GLY A 266 25.72 15.83 7.61
N LYS A 267 25.80 16.71 8.60
CA LYS A 267 26.23 16.27 9.90
C LYS A 267 25.08 16.71 10.84
N PRO A 268 24.94 16.09 11.98
CA PRO A 268 23.89 16.53 12.93
C PRO A 268 23.93 18.03 13.23
N GLY A 269 22.75 18.65 13.33
CA GLY A 269 22.66 20.12 13.42
C GLY A 269 22.82 20.66 14.85
N LYS A 270 23.05 21.96 14.95
CA LYS A 270 23.33 22.62 16.23
C LYS A 270 22.23 22.38 17.24
N VAL A 271 20.98 22.59 16.83
CA VAL A 271 19.84 22.45 17.76
C VAL A 271 19.64 21.02 18.17
N THR A 272 19.68 20.11 17.20
CA THR A 272 19.54 18.67 17.47
C THR A 272 20.54 18.21 18.54
N LYS A 273 21.78 18.56 18.34
CA LYS A 273 22.84 18.27 19.32
C LYS A 273 22.59 18.80 20.70
N MET A 274 22.13 20.06 20.80
CA MET A 274 21.80 20.63 22.11
C MET A 274 20.68 19.85 22.72
N LEU A 275 19.67 19.44 21.93
CA LEU A 275 18.57 18.62 22.56
C LEU A 275 19.02 17.26 22.97
N MET A 276 19.92 16.69 22.17
CA MET A 276 20.51 15.36 22.52
C MET A 276 21.21 15.36 23.90
N GLU A 277 22.01 16.39 24.13
CA GLU A 277 22.73 16.57 25.43
C GLU A 277 21.70 16.68 26.56
N LYS A 278 20.65 17.50 26.39
CA LYS A 278 19.68 17.72 27.47
C LYS A 278 18.89 16.48 27.71
N PHE A 279 18.56 15.75 26.65
CA PHE A 279 17.83 14.50 26.84
C PHE A 279 18.66 13.48 27.60
N ARG A 280 19.94 13.38 27.24
CA ARG A 280 20.82 12.43 27.95
C ARG A 280 20.81 12.70 29.47
N GLU A 281 20.89 13.96 29.82
CA GLU A 281 20.81 14.38 31.26
C GLU A 281 19.55 13.94 31.95
N ARG A 282 18.42 14.08 31.26
CA ARG A 282 17.18 13.55 31.85
C ARG A 282 17.21 12.06 32.08
N THR A 283 17.75 11.29 31.12
CA THR A 283 17.71 9.83 31.31
C THR A 283 18.68 9.39 32.46
N GLU A 284 19.67 10.23 32.69
CA GLU A 284 20.63 10.00 33.82
C GLU A 284 20.00 10.30 35.17
N ASN A 285 19.12 11.32 35.22
CA ASN A 285 18.66 11.89 36.47
C ASN A 285 17.25 11.61 36.92
N GLU A 286 16.41 11.00 36.10
CA GLU A 286 15.03 10.76 36.45
C GLU A 286 14.65 9.37 36.10
N GLY A 287 13.81 8.76 36.91
CA GLY A 287 13.25 7.49 36.57
C GLY A 287 12.85 6.78 37.79
N VAL A 288 12.28 5.60 37.62
CA VAL A 288 11.83 4.80 38.71
C VAL A 288 12.90 3.74 39.02
N GLU A 289 13.36 3.69 40.26
CA GLU A 289 14.48 2.79 40.61
C GLU A 289 14.01 1.36 40.63
N ILE A 290 14.82 0.48 40.02
CA ILE A 290 14.47 -0.91 39.99
C ILE A 290 14.84 -1.63 41.33
N TYR A 291 16.00 -1.33 41.87
CA TYR A 291 16.53 -2.14 43.02
C TYR A 291 16.30 -1.31 44.25
N ARG A 292 15.04 -1.26 44.60
CA ARG A 292 14.57 -0.28 46.04
C ARG A 292 13.23 -0.64 46.56
N GLU B 3 24.71 20.96 -39.03
CA GLU B 3 23.97 21.23 -37.75
C GLU B 3 22.47 21.01 -38.00
N LEU B 4 21.77 20.29 -37.11
CA LEU B 4 20.31 20.15 -37.28
C LEU B 4 19.58 21.48 -37.20
N LEU B 5 18.49 21.58 -37.97
CA LEU B 5 17.68 22.78 -37.99
C LEU B 5 16.43 22.52 -37.11
N VAL B 6 16.02 23.58 -36.43
CA VAL B 6 14.77 23.64 -35.64
C VAL B 6 13.77 24.56 -36.32
N TYR B 7 12.56 24.05 -36.58
CA TYR B 7 11.45 24.89 -37.00
C TYR B 7 11.05 25.89 -35.91
N MET B 8 10.98 27.16 -36.26
CA MET B 8 10.61 28.21 -35.35
C MET B 8 9.73 29.20 -36.11
N ASN B 9 8.43 29.05 -35.93
CA ASN B 9 7.43 29.89 -36.60
C ASN B 9 7.67 30.01 -38.11
N GLY B 10 7.96 28.93 -38.80
CA GLY B 10 8.16 28.98 -40.24
C GLY B 10 9.63 29.04 -40.67
N GLU B 11 10.50 29.69 -39.90
CA GLU B 11 11.95 29.73 -40.19
C GLU B 11 12.64 28.44 -39.68
N PHE B 12 13.73 28.05 -40.32
CA PHE B 12 14.50 26.88 -39.89
C PHE B 12 15.83 27.38 -39.38
N VAL B 13 16.11 27.11 -38.12
CA VAL B 13 17.16 27.78 -37.38
C VAL B 13 18.10 26.72 -36.87
N PRO B 14 19.42 26.91 -37.08
CA PRO B 14 20.33 25.93 -36.51
C PRO B 14 20.13 25.81 -34.99
N GLU B 15 20.23 24.58 -34.51
CA GLU B 15 20.02 24.23 -33.11
C GLU B 15 20.59 25.22 -32.17
N SER B 16 21.86 25.53 -32.37
CA SER B 16 22.62 26.35 -31.43
C SER B 16 22.14 27.78 -31.45
N GLN B 17 21.37 28.17 -32.46
CA GLN B 17 20.79 29.50 -32.51
C GLN B 17 19.29 29.49 -32.16
N ALA B 18 18.72 28.29 -31.93
CA ALA B 18 17.30 28.14 -31.70
C ALA B 18 16.96 28.52 -30.23
N LYS B 19 16.50 29.74 -30.05
CA LYS B 19 16.34 30.33 -28.75
C LYS B 19 14.99 31.05 -28.72
N VAL B 20 14.42 31.19 -27.54
CA VAL B 20 13.08 31.81 -27.39
C VAL B 20 13.26 32.96 -26.41
N SER B 21 12.50 34.02 -26.58
CA SER B 21 12.55 35.11 -25.67
C SER B 21 12.28 34.70 -24.23
N VAL B 22 13.03 35.27 -23.28
CA VAL B 22 12.81 35.01 -21.86
C VAL B 22 11.42 35.52 -21.39
N PHE B 23 10.77 36.37 -22.19
CA PHE B 23 9.41 36.84 -21.91
C PHE B 23 8.30 35.96 -22.45
N ASP B 24 8.63 34.94 -23.24
CA ASP B 24 7.65 33.94 -23.71
C ASP B 24 7.01 33.26 -22.42
N HIS B 25 5.71 33.29 -22.29
CA HIS B 25 5.07 32.66 -21.13
C HIS B 25 5.30 31.15 -21.05
N GLY B 26 5.71 30.52 -22.17
CA GLY B 26 6.18 29.15 -22.21
C GLY B 26 7.35 28.92 -21.25
N PHE B 27 8.27 29.89 -21.24
CA PHE B 27 9.41 29.92 -20.36
C PHE B 27 9.08 30.41 -18.95
N LEU B 28 8.33 31.51 -18.82
CA LEU B 28 8.09 32.07 -17.52
C LEU B 28 7.17 31.21 -16.60
N TYR B 29 6.22 30.55 -17.25
CA TYR B 29 5.11 29.87 -16.61
C TYR B 29 4.83 28.47 -17.09
N GLY B 30 5.69 27.92 -17.97
CA GLY B 30 5.40 26.60 -18.52
C GLY B 30 4.08 26.61 -19.31
N ASP B 31 3.74 27.79 -19.87
CA ASP B 31 2.40 27.96 -20.39
C ASP B 31 2.35 27.57 -21.88
N GLY B 32 2.20 26.25 -22.18
CA GLY B 32 2.22 25.63 -23.53
C GLY B 32 2.08 24.14 -23.45
N VAL B 33 2.02 23.53 -24.62
CA VAL B 33 1.79 22.12 -24.82
C VAL B 33 2.86 21.53 -25.76
N PHE B 34 3.05 20.21 -25.65
CA PHE B 34 4.00 19.48 -26.48
C PHE B 34 3.57 18.12 -26.86
N GLU B 35 4.31 17.58 -27.83
CA GLU B 35 4.15 16.25 -28.28
C GLU B 35 5.50 15.53 -28.42
N GLY B 36 5.40 14.21 -28.52
CA GLY B 36 6.54 13.33 -28.78
C GLY B 36 6.09 12.38 -29.81
N ILE B 37 6.80 12.33 -30.96
CA ILE B 37 6.41 11.50 -32.07
C ILE B 37 7.70 10.80 -32.62
N ARG B 38 7.59 9.57 -33.11
CA ARG B 38 8.82 8.89 -33.69
C ARG B 38 8.64 8.68 -35.21
N ALA B 39 9.78 8.85 -35.89
CA ALA B 39 9.96 8.41 -37.30
C ALA B 39 10.84 7.17 -37.29
N TYR B 40 10.33 6.16 -37.97
CA TYR B 40 11.01 4.90 -38.15
C TYR B 40 11.19 4.63 -39.67
N ASN B 41 12.44 4.56 -40.07
CA ASN B 41 12.81 4.09 -41.44
C ASN B 41 12.07 4.89 -42.51
N GLY B 42 12.07 6.20 -42.34
CA GLY B 42 11.45 7.12 -43.29
C GLY B 42 9.95 7.41 -43.20
N LYS B 43 9.30 6.89 -42.15
CA LYS B 43 7.85 6.95 -41.98
C LYS B 43 7.57 7.53 -40.57
N VAL B 44 6.59 8.43 -40.42
CA VAL B 44 6.20 8.95 -39.09
C VAL B 44 5.04 8.15 -38.52
N PHE B 45 5.25 7.57 -37.35
CA PHE B 45 4.31 6.64 -36.76
C PHE B 45 3.22 7.47 -36.01
N LYS B 46 1.95 7.21 -36.31
CA LYS B 46 0.79 7.86 -35.70
C LYS B 46 0.87 9.35 -35.69
N LEU B 47 1.36 9.93 -36.79
CA LEU B 47 1.49 11.34 -36.89
C LEU B 47 0.16 12.14 -36.64
N TYR B 48 -0.92 11.72 -37.26
CA TYR B 48 -2.19 12.47 -37.18
C TYR B 48 -2.79 12.35 -35.81
N GLU B 49 -2.64 11.18 -35.17
CA GLU B 49 -3.10 11.01 -33.78
C GLU B 49 -2.38 11.92 -32.80
N HIS B 50 -1.06 12.05 -32.94
CA HIS B 50 -0.29 12.93 -32.09
C HIS B 50 -0.72 14.38 -32.33
N ILE B 51 -0.96 14.71 -33.58
CA ILE B 51 -1.41 16.09 -33.88
C ILE B 51 -2.80 16.35 -33.24
N ASP B 52 -3.71 15.41 -33.38
CA ASP B 52 -5.02 15.56 -32.76
C ASP B 52 -4.93 15.76 -31.26
N ARG B 53 -4.06 15.00 -30.59
CA ARG B 53 -3.81 15.24 -29.18
C ARG B 53 -3.24 16.61 -28.85
N LEU B 54 -2.22 17.06 -29.60
CA LEU B 54 -1.68 18.40 -29.43
C LEU B 54 -2.80 19.46 -29.44
N TYR B 55 -3.71 19.34 -30.42
CA TYR B 55 -4.80 20.34 -30.57
C TYR B 55 -5.81 20.23 -29.42
N ASP B 56 -6.11 19.03 -28.95
CA ASP B 56 -6.91 18.91 -27.76
C ASP B 56 -6.25 19.52 -26.51
N CYS B 57 -4.97 19.23 -26.25
CA CYS B 57 -4.25 19.83 -25.11
C CYS B 57 -4.28 21.34 -25.19
N ALA B 58 -4.04 21.86 -26.39
CA ALA B 58 -4.11 23.29 -26.60
C ALA B 58 -5.49 23.86 -26.26
N ARG B 59 -6.54 23.20 -26.78
CA ARG B 59 -7.89 23.60 -26.45
C ARG B 59 -8.16 23.61 -24.93
N VAL B 60 -7.65 22.62 -24.23
CA VAL B 60 -7.82 22.56 -22.79
C VAL B 60 -7.19 23.76 -22.08
N ILE B 61 -6.02 24.22 -22.55
CA ILE B 61 -5.42 25.36 -21.95
C ILE B 61 -5.84 26.67 -22.66
N ASP B 62 -6.87 26.58 -23.48
CA ASP B 62 -7.45 27.80 -24.16
C ASP B 62 -6.43 28.55 -25.06
N LEU B 63 -5.61 27.77 -25.74
CA LEU B 63 -4.54 28.25 -26.63
C LEU B 63 -4.86 27.87 -28.08
N LYS B 64 -4.97 28.87 -28.96
CA LYS B 64 -5.30 28.66 -30.39
C LYS B 64 -3.99 28.46 -31.17
N ILE B 65 -3.82 27.29 -31.77
CA ILE B 65 -2.57 26.99 -32.49
C ILE B 65 -2.74 27.68 -33.88
N PRO B 66 -1.81 28.55 -34.26
CA PRO B 66 -1.98 29.35 -35.48
C PRO B 66 -1.54 28.62 -36.76
N LEU B 67 -1.95 27.35 -36.91
CA LEU B 67 -1.66 26.50 -38.06
C LEU B 67 -2.83 25.58 -38.07
N SER B 68 -3.28 25.19 -39.27
CA SER B 68 -4.25 24.15 -39.36
C SER B 68 -3.55 22.83 -39.02
N LYS B 69 -4.32 21.80 -38.72
CA LYS B 69 -3.71 20.48 -38.46
C LYS B 69 -2.86 20.02 -39.68
N GLU B 70 -3.38 20.29 -40.89
CA GLU B 70 -2.67 19.84 -42.11
C GLU B 70 -1.40 20.60 -42.30
N GLU B 71 -1.41 21.90 -42.05
CA GLU B 71 -0.18 22.67 -42.08
C GLU B 71 0.84 22.20 -41.00
N PHE B 72 0.32 21.73 -39.88
CA PHE B 72 1.24 21.25 -38.78
C PHE B 72 1.92 19.94 -39.22
N ALA B 73 1.12 19.04 -39.80
CA ALA B 73 1.64 17.81 -40.38
C ALA B 73 2.73 18.12 -41.43
N GLU B 74 2.52 19.11 -42.29
CA GLU B 74 3.53 19.47 -43.32
C GLU B 74 4.79 20.06 -42.75
N ALA B 75 4.62 20.86 -41.69
CA ALA B 75 5.74 21.46 -41.01
C ALA B 75 6.66 20.39 -40.37
N ILE B 76 6.03 19.36 -39.77
CA ILE B 76 6.80 18.29 -39.14
C ILE B 76 7.59 17.54 -40.24
N LEU B 77 6.88 17.13 -41.28
CA LEU B 77 7.49 16.44 -42.40
C LEU B 77 8.62 17.21 -43.06
N GLU B 78 8.42 18.52 -43.17
CA GLU B 78 9.41 19.42 -43.78
C GLU B 78 10.61 19.51 -42.91
N THR B 79 10.41 19.52 -41.59
CA THR B 79 11.63 19.71 -40.74
C THR B 79 12.43 18.45 -40.71
N LEU B 80 11.77 17.32 -40.83
CA LEU B 80 12.47 16.06 -40.99
C LEU B 80 13.31 16.00 -42.31
N ARG B 81 12.69 16.39 -43.41
CA ARG B 81 13.36 16.45 -44.73
C ARG B 81 14.52 17.40 -44.75
N ARG B 82 14.33 18.58 -44.18
CA ARG B 82 15.46 19.52 -44.13
C ARG B 82 16.69 19.04 -43.35
N ASN B 83 16.49 18.15 -42.37
CA ASN B 83 17.60 17.56 -41.64
C ASN B 83 18.01 16.18 -42.17
N ASN B 84 17.32 15.71 -43.20
CA ASN B 84 17.56 14.43 -43.83
C ASN B 84 17.40 13.20 -42.91
N LEU B 85 16.41 13.24 -42.00
CA LEU B 85 16.23 12.16 -41.02
C LEU B 85 15.40 10.99 -41.52
N ARG B 86 15.82 9.78 -41.16
CA ARG B 86 15.01 8.57 -41.39
C ARG B 86 14.44 8.01 -40.05
N ASP B 87 15.29 8.03 -39.03
CA ASP B 87 14.95 7.57 -37.64
C ASP B 87 15.08 8.79 -36.76
N ALA B 88 13.98 9.17 -36.09
CA ALA B 88 14.04 10.35 -35.31
C ALA B 88 12.92 10.38 -34.25
N TYR B 89 13.17 11.27 -33.30
CA TYR B 89 12.17 11.67 -32.29
C TYR B 89 11.86 13.14 -32.58
N ILE B 90 10.54 13.43 -32.62
CA ILE B 90 10.05 14.76 -32.94
C ILE B 90 9.30 15.36 -31.71
N ARG B 91 9.66 16.59 -31.32
CA ARG B 91 9.04 17.36 -30.26
C ARG B 91 8.46 18.70 -30.79
N PRO B 92 7.21 18.69 -31.25
CA PRO B 92 6.45 19.89 -31.42
C PRO B 92 6.10 20.53 -30.07
N ILE B 93 6.22 21.85 -29.98
CA ILE B 93 5.87 22.64 -28.85
C ILE B 93 5.03 23.84 -29.35
N VAL B 94 3.90 24.17 -28.68
CA VAL B 94 3.21 25.47 -28.90
C VAL B 94 3.10 26.17 -27.60
N THR B 95 3.61 27.40 -27.55
CA THR B 95 3.51 28.22 -26.40
C THR B 95 2.55 29.39 -26.59
N ARG B 96 2.15 29.92 -25.43
CA ARG B 96 1.34 31.13 -25.34
C ARG B 96 2.02 32.37 -26.00
N GLY B 97 3.34 32.40 -26.00
CA GLY B 97 4.10 33.53 -26.52
C GLY B 97 4.34 34.58 -25.48
N ALA B 98 4.92 35.69 -25.90
CA ALA B 98 5.20 36.81 -25.01
C ALA B 98 3.97 37.65 -24.71
N GLY B 99 3.94 38.27 -23.52
CA GLY B 99 2.79 39.08 -23.12
C GLY B 99 3.19 40.27 -22.24
N ASP B 100 2.46 40.51 -21.15
CA ASP B 100 3.06 41.29 -20.08
C ASP B 100 3.75 40.28 -19.16
N LEU B 101 4.41 40.80 -18.18
CA LEU B 101 5.14 40.00 -17.30
C LEU B 101 4.21 39.08 -16.50
N GLY B 102 3.07 39.60 -15.99
CA GLY B 102 1.95 38.86 -15.29
C GLY B 102 1.47 37.54 -15.91
N LEU B 103 0.57 36.84 -15.23
CA LEU B 103 -0.08 35.54 -15.71
C LEU B 103 -1.01 35.57 -16.87
N ASP B 104 -1.67 36.70 -17.05
CA ASP B 104 -2.87 36.77 -17.84
C ASP B 104 -2.65 36.41 -19.31
N PRO B 105 -3.24 35.27 -19.79
CA PRO B 105 -3.00 34.92 -21.20
C PRO B 105 -3.66 35.86 -22.25
N ARG B 106 -4.62 36.70 -21.84
CA ARG B 106 -5.27 37.63 -22.77
C ARG B 106 -4.27 38.65 -23.31
N LYS B 107 -3.24 38.96 -22.53
CA LYS B 107 -2.28 39.95 -22.92
C LYS B 107 -1.16 39.33 -23.83
N CYS B 108 -1.39 38.15 -24.39
CA CYS B 108 -0.41 37.42 -25.15
C CYS B 108 -0.95 37.19 -26.56
N PRO B 109 -0.53 38.03 -27.53
CA PRO B 109 -1.22 37.97 -28.87
C PRO B 109 -0.79 36.88 -29.81
N SER B 110 0.35 36.32 -29.60
CA SER B 110 1.05 35.56 -30.64
C SER B 110 1.71 34.27 -30.19
N PRO B 111 1.08 33.13 -30.28
CA PRO B 111 1.72 31.88 -29.87
C PRO B 111 3.01 31.60 -30.66
N ASN B 112 4.02 30.97 -30.06
CA ASN B 112 5.16 30.34 -30.78
C ASN B 112 4.98 28.90 -31.03
N VAL B 113 5.32 28.51 -32.26
CA VAL B 113 5.30 27.16 -32.73
C VAL B 113 6.73 26.77 -33.02
N ILE B 114 7.16 25.68 -32.38
CA ILE B 114 8.54 25.16 -32.48
C ILE B 114 8.47 23.69 -32.78
N ILE B 115 9.35 23.19 -33.65
CA ILE B 115 9.44 21.75 -33.85
C ILE B 115 10.90 21.33 -33.84
N ILE B 116 11.19 20.44 -32.88
CA ILE B 116 12.52 19.89 -32.67
C ILE B 116 12.51 18.52 -33.24
N THR B 117 13.56 18.17 -34.01
CA THR B 117 13.69 16.82 -34.56
C THR B 117 15.11 16.35 -34.23
N LYS B 118 15.23 15.14 -33.65
CA LYS B 118 16.52 14.64 -33.19
C LYS B 118 16.64 13.22 -33.61
N PRO B 119 17.87 12.76 -33.96
CA PRO B 119 18.06 11.36 -34.36
C PRO B 119 17.69 10.39 -33.25
N LYS B 122 16.63 3.94 -30.12
CA LYS B 122 16.22 2.94 -29.12
C LYS B 122 17.26 2.78 -28.00
N LEU B 123 16.76 2.63 -26.75
CA LEU B 123 17.56 2.37 -25.57
C LEU B 123 18.50 1.20 -25.80
N TYR B 124 19.75 1.44 -25.41
CA TYR B 124 20.81 0.44 -25.46
C TYR B 124 20.39 -0.66 -24.49
N GLY B 125 20.37 -1.91 -24.93
CA GLY B 125 20.18 -3.04 -24.01
C GLY B 125 19.21 -4.07 -24.51
N ASP B 126 19.50 -5.29 -24.20
CA ASP B 126 18.67 -6.35 -24.57
C ASP B 126 17.40 -6.36 -23.69
N LEU B 127 16.33 -5.75 -24.21
CA LEU B 127 15.06 -5.66 -23.47
C LEU B 127 14.30 -6.91 -23.44
N TYR B 128 14.74 -7.96 -24.18
CA TYR B 128 14.18 -9.24 -23.95
C TYR B 128 14.80 -9.92 -22.74
N GLU B 129 15.91 -9.38 -22.25
CA GLU B 129 16.62 -9.98 -21.06
C GLU B 129 16.64 -9.19 -19.76
N LYS B 130 16.77 -7.88 -19.86
CA LYS B 130 17.07 -6.94 -18.75
C LYS B 130 15.92 -5.85 -18.79
N GLY B 131 15.06 -5.80 -17.77
CA GLY B 131 14.07 -4.74 -17.59
C GLY B 131 14.47 -3.60 -16.68
N LEU B 132 13.51 -2.72 -16.38
CA LEU B 132 13.70 -1.56 -15.53
C LEU B 132 13.42 -1.97 -14.09
N LYS B 133 14.13 -1.33 -13.21
CA LYS B 133 13.87 -1.44 -11.79
C LYS B 133 13.03 -0.17 -11.46
N ALA B 134 11.80 -0.39 -11.06
CA ALA B 134 10.84 0.69 -10.82
C ALA B 134 10.78 0.93 -9.30
N ILE B 135 10.51 2.18 -8.89
CA ILE B 135 10.15 2.47 -7.52
C ILE B 135 8.84 3.32 -7.55
N THR B 136 7.97 3.07 -6.61
CA THR B 136 6.82 3.89 -6.35
C THR B 136 7.28 5.06 -5.53
N VAL B 137 6.77 6.24 -5.89
CA VAL B 137 7.24 7.52 -5.34
C VAL B 137 6.29 8.02 -4.28
N ALA B 138 6.81 8.85 -3.37
CA ALA B 138 5.97 9.45 -2.32
C ALA B 138 5.05 10.52 -2.89
N ILE B 139 5.55 11.31 -3.85
CA ILE B 139 4.75 12.33 -4.51
C ILE B 139 3.63 11.71 -5.34
N ARG B 140 2.43 12.29 -5.31
CA ARG B 140 1.32 11.79 -6.07
C ARG B 140 1.20 12.52 -7.43
N ARG B 141 0.58 11.88 -8.39
CA ARG B 141 0.33 12.47 -9.71
C ARG B 141 -0.49 13.77 -9.54
N ASN B 142 -0.17 14.78 -10.36
CA ASN B 142 -1.00 15.97 -10.48
C ASN B 142 -2.48 15.57 -10.55
N ALA B 143 -3.34 16.28 -9.81
CA ALA B 143 -4.77 15.84 -9.70
C ALA B 143 -5.62 16.27 -10.89
N ILE B 144 -6.67 15.47 -11.18
CA ILE B 144 -7.52 15.74 -12.33
C ILE B 144 -8.27 17.07 -12.20
N ASP B 145 -8.38 17.62 -11.03
CA ASP B 145 -8.99 18.98 -10.93
C ASP B 145 -8.10 20.08 -10.43
N SER B 146 -6.79 19.92 -10.56
CA SER B 146 -5.83 21.00 -10.30
C SER B 146 -4.95 21.27 -11.50
N LEU B 147 -4.32 20.22 -12.06
CA LEU B 147 -3.51 20.33 -13.22
C LEU B 147 -3.65 19.01 -13.97
N PRO B 148 -4.72 18.92 -14.76
CA PRO B 148 -5.14 17.66 -15.28
C PRO B 148 -4.00 16.91 -16.00
N PRO B 149 -3.70 15.64 -15.58
CA PRO B 149 -2.51 14.95 -16.08
C PRO B 149 -2.67 14.61 -17.56
N ASN B 150 -3.91 14.57 -18.09
CA ASN B 150 -4.15 14.37 -19.50
C ASN B 150 -3.53 15.47 -20.39
N ILE B 151 -3.27 16.63 -19.83
CA ILE B 151 -2.63 17.69 -20.62
C ILE B 151 -1.14 17.36 -20.74
N LYS B 152 -0.64 17.19 -21.97
CA LYS B 152 0.80 17.10 -22.22
C LYS B 152 1.39 18.50 -22.29
N SER B 153 1.58 19.11 -21.12
CA SER B 153 1.88 20.53 -21.04
C SER B 153 3.36 20.71 -20.76
N LEU B 154 3.82 21.94 -20.78
CA LEU B 154 5.19 22.27 -20.37
C LEU B 154 5.36 22.31 -18.85
N ASN B 155 4.29 22.06 -18.09
CA ASN B 155 4.38 21.99 -16.63
C ASN B 155 4.73 20.52 -16.28
N TYR B 156 6.02 20.19 -16.28
CA TYR B 156 6.42 18.77 -16.01
C TYR B 156 7.23 18.58 -14.73
N LEU B 157 7.13 19.54 -13.80
CA LEU B 157 7.80 19.43 -12.54
C LEU B 157 7.26 18.35 -11.61
N ASN B 158 5.97 18.02 -11.68
CA ASN B 158 5.43 16.84 -10.93
C ASN B 158 6.25 15.57 -11.33
N ASN B 159 6.49 15.46 -12.64
CA ASN B 159 7.12 14.33 -13.31
C ASN B 159 8.63 14.33 -12.98
N ILE B 160 9.23 15.49 -12.99
CA ILE B 160 10.65 15.64 -12.65
C ILE B 160 10.90 15.35 -11.19
N LEU B 161 9.98 15.78 -10.32
CA LEU B 161 10.14 15.47 -8.91
C LEU B 161 10.13 13.94 -8.68
N ALA B 162 9.24 13.24 -9.39
CA ALA B 162 9.16 11.77 -9.27
C ALA B 162 10.46 11.16 -9.79
N LYS B 163 10.99 11.69 -10.89
CA LYS B 163 12.26 11.18 -11.42
C LYS B 163 13.42 11.37 -10.43
N ILE B 164 13.45 12.51 -9.77
CA ILE B 164 14.43 12.80 -8.73
C ILE B 164 14.36 11.82 -7.59
N GLU B 165 13.14 11.45 -7.18
CA GLU B 165 12.99 10.40 -6.16
C GLU B 165 13.62 9.06 -6.65
N ALA B 166 13.24 8.71 -7.87
CA ALA B 166 13.73 7.47 -8.43
C ALA B 166 15.28 7.43 -8.53
N ASN B 167 15.87 8.53 -8.98
CA ASN B 167 17.28 8.69 -9.12
C ASN B 167 17.94 8.44 -7.79
N ALA B 168 17.35 8.97 -6.72
CA ALA B 168 17.89 8.83 -5.37
C ALA B 168 17.64 7.50 -4.71
N LYS B 169 16.63 6.75 -5.16
CA LYS B 169 16.09 5.60 -4.44
C LYS B 169 16.34 4.30 -5.19
N GLY B 170 17.33 4.30 -6.13
CA GLY B 170 17.71 3.09 -6.87
C GLY B 170 16.77 2.61 -7.96
N GLY B 171 15.94 3.49 -8.50
CA GLY B 171 15.05 3.12 -9.58
C GLY B 171 15.54 3.69 -10.91
N ASP B 172 15.32 2.95 -11.98
CA ASP B 172 15.38 3.50 -13.35
C ASP B 172 14.08 4.22 -13.71
N GLU B 173 13.01 3.86 -13.06
CA GLU B 173 11.67 4.35 -13.41
C GLU B 173 10.83 4.68 -12.15
N ALA B 174 10.22 5.88 -12.11
CA ALA B 174 9.33 6.27 -11.04
C ALA B 174 7.91 5.89 -11.38
N ILE B 175 7.17 5.33 -10.43
CA ILE B 175 5.77 5.02 -10.59
C ILE B 175 4.90 5.87 -9.63
N PHE B 176 3.93 6.58 -10.20
CA PHE B 176 3.00 7.45 -9.41
C PHE B 176 1.75 6.69 -9.03
N LEU B 177 1.25 6.95 -7.81
CA LEU B 177 -0.09 6.76 -7.44
C LEU B 177 -0.81 8.12 -7.56
N ASP B 178 -2.13 8.08 -7.55
CA ASP B 178 -2.92 9.28 -7.42
C ASP B 178 -3.34 9.47 -5.97
N HIS B 179 -4.18 10.50 -5.77
CA HIS B 179 -4.59 10.85 -4.39
C HIS B 179 -5.45 9.80 -3.75
N ASN B 180 -6.18 9.07 -4.57
CA ASN B 180 -7.03 7.92 -4.10
C ASN B 180 -6.24 6.67 -3.78
N GLY B 181 -4.96 6.67 -4.09
CA GLY B 181 -4.14 5.44 -3.89
C GLY B 181 -4.21 4.51 -5.09
N TYR B 182 -4.78 4.97 -6.20
CA TYR B 182 -4.82 4.17 -7.44
C TYR B 182 -3.49 4.35 -8.15
N ILE B 183 -2.98 3.28 -8.73
CA ILE B 183 -1.84 3.40 -9.63
C ILE B 183 -2.23 4.35 -10.79
N SER B 184 -1.31 5.25 -11.13
CA SER B 184 -1.48 6.21 -12.22
C SER B 184 -0.67 5.77 -13.46
N GLU B 185 0.65 6.01 -13.42
CA GLU B 185 1.57 5.75 -14.51
C GLU B 185 2.98 5.91 -14.01
N GLY B 186 3.91 5.63 -14.91
CA GLY B 186 5.28 6.12 -14.72
C GLY B 186 5.44 7.60 -14.94
N SER B 187 6.61 8.13 -14.70
CA SER B 187 6.83 9.56 -14.82
C SER B 187 6.61 10.08 -16.21
N GLY B 188 6.80 9.19 -17.19
CA GLY B 188 6.53 9.53 -18.59
C GLY B 188 5.96 8.44 -19.49
N ASP B 189 5.32 7.41 -18.95
CA ASP B 189 4.86 6.23 -19.67
C ASP B 189 3.70 5.61 -18.92
N ASN B 190 2.70 5.15 -19.63
CA ASN B 190 1.60 4.48 -19.07
C ASN B 190 2.05 3.11 -18.55
N ILE B 191 1.29 2.50 -17.65
CA ILE B 191 1.65 1.22 -17.04
C ILE B 191 0.63 0.13 -17.25
N PHE B 192 1.12 -1.10 -17.51
CA PHE B 192 0.30 -2.27 -17.67
C PHE B 192 0.78 -3.34 -16.71
N ILE B 193 -0.13 -4.15 -16.23
CA ILE B 193 0.26 -5.35 -15.51
C ILE B 193 -0.32 -6.58 -16.16
N VAL B 194 0.31 -7.73 -15.87
CA VAL B 194 -0.16 -9.03 -16.33
C VAL B 194 -0.24 -9.99 -15.15
N LYS B 195 -1.39 -10.62 -14.98
CA LYS B 195 -1.61 -11.51 -13.87
C LYS B 195 -2.52 -12.68 -14.31
N ASN B 196 -1.99 -13.90 -14.13
CA ASN B 196 -2.71 -15.16 -14.52
C ASN B 196 -3.26 -15.06 -15.93
N GLY B 197 -2.42 -14.53 -16.82
CA GLY B 197 -2.77 -14.36 -18.22
C GLY B 197 -3.72 -13.22 -18.60
N THR B 198 -4.26 -12.47 -17.63
CA THR B 198 -5.10 -11.27 -17.91
C THR B 198 -4.27 -9.96 -17.80
N ILE B 199 -4.43 -9.03 -18.75
CA ILE B 199 -3.70 -7.78 -18.73
C ILE B 199 -4.67 -6.70 -18.19
N THR B 200 -4.16 -5.88 -17.28
CA THR B 200 -4.90 -4.71 -16.74
C THR B 200 -4.12 -3.44 -16.90
N THR B 201 -4.80 -2.34 -17.22
CA THR B 201 -4.15 -1.04 -17.26
C THR B 201 -5.17 -0.02 -16.69
N PRO B 202 -4.69 1.01 -16.00
CA PRO B 202 -5.65 1.96 -15.41
C PRO B 202 -6.42 2.69 -16.48
N PRO B 203 -7.67 3.11 -16.18
CA PRO B 203 -8.27 4.10 -17.05
C PRO B 203 -7.37 5.33 -17.19
N THR B 204 -7.48 6.08 -18.28
CA THR B 204 -6.57 7.18 -18.54
C THR B 204 -6.82 8.43 -17.73
N LEU B 205 -7.96 8.51 -17.04
CA LEU B 205 -8.34 9.75 -16.37
C LEU B 205 -7.25 10.30 -15.48
N ASN B 206 -6.64 9.45 -14.63
CA ASN B 206 -5.61 9.92 -13.68
C ASN B 206 -4.20 9.95 -14.21
N ASN B 207 -4.03 9.66 -15.49
CA ASN B 207 -2.70 9.65 -16.12
C ASN B 207 -2.74 10.41 -17.46
N LEU B 208 -2.52 9.76 -18.58
CA LEU B 208 -2.46 10.48 -19.88
C LEU B 208 -2.90 9.50 -20.98
N LYS B 209 -3.64 9.94 -22.00
CA LYS B 209 -4.26 9.02 -22.95
C LYS B 209 -3.17 8.67 -24.01
N GLY B 210 -2.26 7.80 -23.58
CA GLY B 210 -1.12 7.41 -24.40
C GLY B 210 -1.47 6.80 -25.74
N ILE B 211 -0.79 7.26 -26.77
CA ILE B 211 -0.92 6.64 -28.11
C ILE B 211 -0.22 5.25 -28.17
N THR B 212 0.92 5.11 -27.50
CA THR B 212 1.57 3.80 -27.43
C THR B 212 0.65 2.84 -26.73
N ARG B 213 0.13 3.27 -25.58
CA ARG B 213 -0.90 2.52 -24.84
C ARG B 213 -2.02 2.10 -25.76
N GLN B 214 -2.52 3.05 -26.57
CA GLN B 214 -3.65 2.70 -27.45
C GLN B 214 -3.27 1.56 -28.47
N VAL B 215 -2.10 1.71 -29.10
CA VAL B 215 -1.55 0.69 -30.01
C VAL B 215 -1.43 -0.64 -29.30
N VAL B 216 -0.88 -0.63 -28.08
CA VAL B 216 -0.74 -1.87 -27.38
C VAL B 216 -2.04 -2.57 -27.10
N ILE B 217 -3.09 -1.80 -26.73
CA ILE B 217 -4.38 -2.40 -26.51
C ILE B 217 -4.94 -3.00 -27.81
N GLU B 218 -4.70 -2.31 -28.90
CA GLU B 218 -5.07 -2.90 -30.27
C GLU B 218 -4.39 -4.27 -30.49
N LEU B 219 -3.10 -4.33 -30.18
CA LEU B 219 -2.34 -5.61 -30.32
C LEU B 219 -2.84 -6.67 -29.40
N ILE B 220 -3.16 -6.26 -28.17
CA ILE B 220 -3.73 -7.18 -27.19
C ILE B 220 -5.04 -7.82 -27.68
N ASN B 221 -5.90 -6.99 -28.20
CA ASN B 221 -7.23 -7.44 -28.67
C ASN B 221 -7.10 -8.33 -29.95
N GLU B 222 -6.18 -8.00 -30.84
CA GLU B 222 -5.80 -8.90 -31.94
C GLU B 222 -5.34 -10.26 -31.46
N LEU B 223 -4.48 -10.29 -30.44
CA LEU B 223 -4.03 -11.53 -29.86
C LEU B 223 -5.04 -12.27 -29.00
N GLU B 224 -6.20 -11.70 -28.76
CA GLU B 224 -7.21 -12.25 -27.92
C GLU B 224 -6.75 -12.58 -26.51
N ILE B 225 -5.89 -11.72 -25.98
CA ILE B 225 -5.50 -11.84 -24.60
C ILE B 225 -6.55 -11.15 -23.71
N PRO B 226 -7.03 -11.81 -22.66
CA PRO B 226 -8.02 -11.11 -21.83
C PRO B 226 -7.47 -9.79 -21.27
N PHE B 227 -8.33 -8.76 -21.28
CA PHE B 227 -7.90 -7.41 -21.05
C PHE B 227 -8.93 -6.68 -20.23
N ARG B 228 -8.48 -5.85 -19.31
CA ARG B 228 -9.37 -5.04 -18.42
C ARG B 228 -8.74 -3.66 -18.32
N GLU B 229 -9.59 -2.63 -18.47
CA GLU B 229 -9.21 -1.30 -18.12
C GLU B 229 -9.85 -1.06 -16.73
N ALA B 230 -9.09 -0.98 -15.68
CA ALA B 230 -9.64 -0.91 -14.32
C ALA B 230 -8.62 -0.27 -13.41
N ASN B 231 -9.12 0.39 -12.37
CA ASN B 231 -8.19 0.81 -11.36
C ASN B 231 -7.60 -0.27 -10.58
N ILE B 232 -6.35 -0.05 -10.21
CA ILE B 232 -5.55 -1.03 -9.48
C ILE B 232 -4.76 -0.33 -8.39
N GLY B 233 -4.23 -1.10 -7.46
CA GLY B 233 -3.45 -0.55 -6.35
C GLY B 233 -2.16 -1.26 -6.09
N LEU B 234 -1.47 -0.87 -5.01
CA LEU B 234 -0.20 -1.49 -4.71
C LEU B 234 -0.24 -3.03 -4.65
N PHE B 235 -1.30 -3.59 -4.10
CA PHE B 235 -1.46 -5.04 -4.00
C PHE B 235 -1.32 -5.70 -5.41
N ASP B 236 -1.93 -5.08 -6.39
CA ASP B 236 -1.88 -5.56 -7.76
C ASP B 236 -0.49 -5.46 -8.35
N LEU B 237 0.22 -4.37 -8.13
CA LEU B 237 1.57 -4.26 -8.61
C LEU B 237 2.51 -5.29 -7.99
N TYR B 238 2.40 -5.45 -6.68
CA TYR B 238 3.30 -6.32 -5.96
C TYR B 238 3.03 -7.82 -6.16
N SER B 239 1.89 -8.16 -6.71
CA SER B 239 1.59 -9.57 -6.99
C SER B 239 1.50 -9.90 -8.48
N ALA B 240 1.84 -8.94 -9.33
CA ALA B 240 1.70 -9.11 -10.77
C ALA B 240 2.76 -10.15 -11.27
N ASP B 241 2.37 -10.99 -12.25
CA ASP B 241 3.36 -11.87 -12.98
C ASP B 241 4.27 -11.07 -13.86
N GLU B 242 3.74 -10.04 -14.53
CA GLU B 242 4.52 -9.17 -15.31
C GLU B 242 4.04 -7.69 -15.15
N ILE B 243 4.95 -6.78 -15.41
CA ILE B 243 4.69 -5.30 -15.46
C ILE B 243 5.49 -4.73 -16.64
N PHE B 244 4.87 -3.84 -17.42
CA PHE B 244 5.59 -3.04 -18.39
C PHE B 244 5.01 -1.64 -18.49
N VAL B 245 5.84 -0.73 -18.99
CA VAL B 245 5.39 0.64 -19.26
C VAL B 245 5.48 0.98 -20.71
N THR B 246 4.72 2.00 -21.16
CA THR B 246 4.63 2.35 -22.57
C THR B 246 4.66 3.83 -22.83
N GLY B 247 5.33 4.21 -23.89
CA GLY B 247 5.38 5.56 -24.36
C GLY B 247 6.20 5.69 -25.64
N THR B 248 6.19 6.85 -26.27
CA THR B 248 6.74 7.00 -27.63
C THR B 248 8.22 6.77 -27.60
N ALA B 249 8.89 7.39 -26.65
CA ALA B 249 10.34 7.41 -26.63
C ALA B 249 10.88 6.04 -26.28
N ALA B 250 10.27 5.37 -25.33
CA ALA B 250 10.79 4.11 -24.88
C ALA B 250 10.08 2.90 -25.38
N GLU B 251 8.97 3.07 -26.09
CA GLU B 251 8.18 1.95 -26.62
C GLU B 251 7.62 1.12 -25.50
N ILE B 252 7.80 -0.20 -25.52
CA ILE B 252 7.37 -1.11 -24.46
C ILE B 252 8.60 -1.51 -23.68
N ALA B 253 8.64 -1.06 -22.41
CA ALA B 253 9.74 -1.33 -21.48
C ALA B 253 9.27 -2.28 -20.30
N PRO B 254 9.79 -3.52 -20.28
CA PRO B 254 9.53 -4.43 -19.15
C PRO B 254 10.01 -3.76 -17.86
N VAL B 255 9.26 -4.04 -16.78
CA VAL B 255 9.64 -3.64 -15.44
C VAL B 255 9.82 -4.92 -14.67
N THR B 256 11.08 -5.21 -14.36
CA THR B 256 11.37 -6.52 -13.75
C THR B 256 11.54 -6.54 -12.23
N TYR B 257 11.61 -5.35 -11.63
CA TYR B 257 11.67 -5.23 -10.19
C TYR B 257 10.81 -4.01 -9.79
N ILE B 258 10.10 -4.15 -8.69
CA ILE B 258 9.30 -3.01 -8.17
C ILE B 258 9.55 -2.86 -6.64
N ASP B 259 10.06 -1.70 -6.20
CA ASP B 259 10.22 -1.43 -4.74
C ASP B 259 10.89 -2.62 -4.01
N GLY B 260 11.94 -3.08 -4.60
CA GLY B 260 12.73 -4.16 -4.05
C GLY B 260 12.44 -5.47 -4.74
N ARG B 261 11.13 -5.71 -4.95
CA ARG B 261 10.55 -6.99 -5.21
C ARG B 261 10.79 -7.47 -6.63
C ARG B 261 10.79 -7.47 -6.63
N THR B 262 11.14 -8.75 -6.76
CA THR B 262 11.33 -9.37 -8.06
C THR B 262 9.95 -9.61 -8.70
N VAL B 263 9.81 -9.15 -9.95
CA VAL B 263 8.60 -9.46 -10.78
C VAL B 263 8.89 -10.76 -11.63
N GLY B 264 8.11 -11.80 -11.42
CA GLY B 264 8.32 -13.15 -12.06
C GLY B 264 9.71 -13.63 -11.67
N ASN B 265 10.59 -13.79 -12.63
CA ASN B 265 11.90 -14.35 -12.37
C ASN B 265 12.87 -13.30 -12.56
N GLY B 266 12.39 -12.06 -12.74
CA GLY B 266 13.31 -10.96 -12.84
C GLY B 266 13.73 -10.70 -14.23
N LYS B 267 13.12 -11.43 -15.16
CA LYS B 267 13.32 -11.18 -16.58
C LYS B 267 12.01 -10.84 -17.24
N PRO B 268 12.09 -10.19 -18.38
CA PRO B 268 10.81 -9.91 -19.09
C PRO B 268 9.96 -11.07 -19.32
N GLY B 269 8.65 -10.88 -19.13
CA GLY B 269 7.71 -11.95 -19.19
C GLY B 269 7.28 -12.31 -20.58
N LYS B 270 6.62 -13.46 -20.70
CA LYS B 270 6.20 -14.02 -22.01
C LYS B 270 5.24 -13.08 -22.76
N VAL B 271 4.23 -12.56 -22.06
CA VAL B 271 3.27 -11.64 -22.69
C VAL B 271 3.94 -10.38 -23.15
N THR B 272 4.73 -9.74 -22.25
CA THR B 272 5.46 -8.60 -22.62
C THR B 272 6.30 -8.79 -23.86
N LYS B 273 7.07 -9.88 -23.88
CA LYS B 273 7.96 -10.12 -25.02
C LYS B 273 7.17 -10.24 -26.35
N MET B 274 6.07 -10.93 -26.31
CA MET B 274 5.23 -11.06 -27.54
C MET B 274 4.71 -9.71 -27.98
N LEU B 275 4.31 -8.83 -27.02
CA LEU B 275 3.80 -7.52 -27.40
C LEU B 275 4.90 -6.68 -27.93
N MET B 276 6.11 -6.81 -27.38
CA MET B 276 7.23 -6.01 -27.87
C MET B 276 7.55 -6.30 -29.39
N GLU B 277 7.57 -7.57 -29.67
CA GLU B 277 7.89 -7.99 -31.04
C GLU B 277 6.79 -7.52 -32.00
N LYS B 278 5.53 -7.75 -31.64
CA LYS B 278 4.42 -7.24 -32.47
C LYS B 278 4.38 -5.74 -32.66
N PHE B 279 4.77 -4.99 -31.60
CA PHE B 279 4.77 -3.56 -31.66
C PHE B 279 5.83 -3.09 -32.65
N ARG B 280 7.03 -3.69 -32.56
CA ARG B 280 8.11 -3.34 -33.46
C ARG B 280 7.70 -3.63 -34.90
N GLU B 281 7.01 -4.73 -35.13
CA GLU B 281 6.49 -5.05 -36.47
C GLU B 281 5.55 -3.90 -36.93
N ARG B 282 4.66 -3.50 -36.04
CA ARG B 282 3.70 -2.45 -36.34
C ARG B 282 4.40 -1.19 -36.80
N THR B 283 5.52 -0.82 -36.18
CA THR B 283 6.23 0.39 -36.51
C THR B 283 6.96 0.36 -37.88
N GLU B 284 7.19 -0.84 -38.39
CA GLU B 284 7.74 -1.07 -39.76
C GLU B 284 6.63 -0.97 -40.84
N ASN B 285 5.41 -1.34 -40.48
CA ASN B 285 4.34 -1.51 -41.43
C ASN B 285 3.36 -0.32 -41.56
N GLU B 286 3.54 0.75 -40.79
CA GLU B 286 2.56 1.87 -40.75
C GLU B 286 3.33 3.13 -40.67
N GLY B 287 2.73 4.24 -41.09
CA GLY B 287 3.34 5.51 -40.90
C GLY B 287 3.18 6.34 -42.13
N VAL B 288 3.34 7.63 -41.95
CA VAL B 288 3.29 8.60 -43.04
C VAL B 288 4.71 8.74 -43.66
N GLU B 289 4.82 8.50 -44.98
CA GLU B 289 6.11 8.61 -45.69
C GLU B 289 6.63 10.00 -45.62
N ILE B 290 7.87 10.17 -45.20
CA ILE B 290 8.54 11.45 -45.20
C ILE B 290 8.92 11.81 -46.68
N TYR B 291 9.34 10.80 -47.45
CA TYR B 291 9.99 10.99 -48.79
C TYR B 291 9.14 10.27 -49.81
N GLU C 3 -7.57 -35.57 20.97
CA GLU C 3 -7.17 -34.11 20.81
C GLU C 3 -6.66 -33.82 19.38
N LEU C 4 -7.21 -32.78 18.78
CA LEU C 4 -6.80 -32.38 17.42
C LEU C 4 -5.32 -31.97 17.36
N LEU C 5 -4.69 -32.31 16.27
CA LEU C 5 -3.33 -31.93 15.99
C LEU C 5 -3.25 -30.66 15.10
N VAL C 6 -2.27 -29.80 15.39
CA VAL C 6 -1.91 -28.64 14.56
C VAL C 6 -0.61 -28.87 13.84
N TYR C 7 -0.58 -28.61 12.55
CA TYR C 7 0.68 -28.61 11.78
C TYR C 7 1.48 -27.40 12.24
N MET C 8 2.72 -27.66 12.68
CA MET C 8 3.69 -26.63 12.99
C MET C 8 5.00 -26.95 12.36
N ASN C 9 5.26 -26.31 11.24
CA ASN C 9 6.51 -26.51 10.52
C ASN C 9 6.87 -28.00 10.23
N GLY C 10 5.86 -28.80 9.91
CA GLY C 10 6.02 -30.22 9.63
C GLY C 10 5.78 -31.16 10.81
N GLU C 11 5.67 -30.69 12.04
CA GLU C 11 5.32 -31.54 13.19
C GLU C 11 3.83 -31.44 13.40
N PHE C 12 3.20 -32.46 13.98
CA PHE C 12 1.79 -32.42 14.33
C PHE C 12 1.74 -32.36 15.82
N VAL C 13 1.11 -31.33 16.35
CA VAL C 13 1.26 -30.96 17.74
C VAL C 13 -0.12 -30.87 18.30
N PRO C 14 -0.37 -31.51 19.45
CA PRO C 14 -1.70 -31.34 20.01
C PRO C 14 -2.10 -29.87 20.26
N GLU C 15 -3.39 -29.60 20.06
CA GLU C 15 -3.98 -28.24 20.15
C GLU C 15 -3.53 -27.50 21.37
N SER C 16 -3.69 -28.13 22.53
CA SER C 16 -3.36 -27.53 23.83
C SER C 16 -1.89 -27.16 24.02
N GLN C 17 -0.99 -27.71 23.21
CA GLN C 17 0.40 -27.41 23.29
C GLN C 17 0.89 -26.68 22.04
N ALA C 18 -0.02 -26.31 21.15
CA ALA C 18 0.36 -25.70 19.86
C ALA C 18 0.56 -24.20 20.13
N LYS C 19 1.80 -23.76 20.14
CA LYS C 19 2.18 -22.45 20.64
C LYS C 19 3.28 -21.86 19.84
N VAL C 20 3.34 -20.53 19.77
CA VAL C 20 4.37 -19.91 18.96
C VAL C 20 5.23 -19.01 19.86
N SER C 21 6.55 -18.93 19.60
CA SER C 21 7.41 -18.02 20.30
C SER C 21 6.80 -16.58 20.37
N VAL C 22 6.86 -15.94 21.54
CA VAL C 22 6.45 -14.57 21.64
C VAL C 22 7.37 -13.67 20.80
N PHE C 23 8.51 -14.17 20.34
CA PHE C 23 9.40 -13.36 19.52
C PHE C 23 9.09 -13.43 18.02
N ASP C 24 8.12 -14.25 17.66
CA ASP C 24 7.65 -14.38 16.27
C ASP C 24 7.01 -13.02 15.89
N HIS C 25 7.49 -12.42 14.83
CA HIS C 25 6.91 -11.16 14.26
C HIS C 25 5.48 -11.25 13.83
N GLY C 26 5.00 -12.47 13.60
CA GLY C 26 3.57 -12.73 13.55
C GLY C 26 2.77 -12.31 14.77
N PHE C 27 3.35 -12.52 15.94
CA PHE C 27 2.72 -12.16 17.17
C PHE C 27 3.03 -10.67 17.55
N LEU C 28 4.26 -10.22 17.38
CA LEU C 28 4.70 -8.90 17.81
C LEU C 28 4.05 -7.80 16.92
N TYR C 29 3.84 -8.12 15.62
CA TYR C 29 3.50 -7.11 14.63
C TYR C 29 2.43 -7.54 13.64
N GLY C 30 1.78 -8.68 13.85
CA GLY C 30 0.81 -9.26 12.89
C GLY C 30 1.48 -9.42 11.53
N ASP C 31 2.64 -9.78 11.47
CA ASP C 31 3.41 -9.82 10.25
C ASP C 31 3.37 -11.22 9.59
N GLY C 32 2.30 -11.52 8.99
CA GLY C 32 2.00 -12.79 8.34
C GLY C 32 0.74 -12.74 7.55
N VAL C 33 0.48 -13.83 6.85
CA VAL C 33 -0.74 -13.99 6.06
C VAL C 33 -1.49 -15.25 6.48
N PHE C 34 -2.77 -15.30 6.12
CA PHE C 34 -3.62 -16.42 6.42
C PHE C 34 -4.71 -16.68 5.41
N GLU C 35 -5.27 -17.89 5.52
CA GLU C 35 -6.36 -18.36 4.70
C GLU C 35 -7.43 -18.97 5.53
N GLY C 36 -8.63 -19.09 4.93
CA GLY C 36 -9.77 -19.85 5.50
C GLY C 36 -10.29 -20.74 4.40
N ILE C 37 -10.48 -22.04 4.67
CA ILE C 37 -10.84 -23.07 3.60
C ILE C 37 -11.80 -24.06 4.25
N ARG C 38 -12.76 -24.60 3.47
CA ARG C 38 -13.71 -25.52 4.04
C ARG C 38 -13.44 -26.90 3.35
N ALA C 39 -13.51 -27.94 4.18
CA ALA C 39 -13.73 -29.32 3.72
C ALA C 39 -15.19 -29.66 3.88
N TYR C 40 -15.77 -30.18 2.82
CA TYR C 40 -17.11 -30.71 2.85
C TYR C 40 -17.09 -32.25 2.50
N ASN C 41 -17.73 -33.02 3.37
CA ASN C 41 -17.85 -34.49 3.13
C ASN C 41 -16.61 -35.12 2.48
N GLY C 42 -15.47 -34.97 3.11
CA GLY C 42 -14.23 -35.53 2.61
C GLY C 42 -13.44 -34.90 1.50
N LYS C 43 -13.80 -33.68 1.05
CA LYS C 43 -13.11 -33.03 -0.07
C LYS C 43 -12.88 -31.51 0.34
N VAL C 44 -11.81 -30.92 -0.17
CA VAL C 44 -11.43 -29.54 0.18
C VAL C 44 -11.83 -28.63 -0.98
N PHE C 45 -12.81 -27.75 -0.68
CA PHE C 45 -13.40 -26.84 -1.66
C PHE C 45 -12.42 -25.71 -2.02
N LYS C 46 -12.08 -25.62 -3.29
CA LYS C 46 -11.23 -24.57 -3.83
C LYS C 46 -9.90 -24.51 -3.14
N LEU C 47 -9.37 -25.69 -2.81
CA LEU C 47 -8.08 -25.76 -2.17
C LEU C 47 -6.95 -24.99 -2.90
N TYR C 48 -6.79 -25.22 -4.21
CA TYR C 48 -5.71 -24.62 -4.99
C TYR C 48 -5.83 -23.07 -5.11
N GLU C 49 -7.09 -22.62 -5.26
CA GLU C 49 -7.39 -21.14 -5.35
C GLU C 49 -6.98 -20.44 -4.03
N HIS C 50 -7.32 -21.04 -2.90
CA HIS C 50 -6.95 -20.50 -1.65
C HIS C 50 -5.47 -20.46 -1.46
N ILE C 51 -4.78 -21.51 -1.90
CA ILE C 51 -3.33 -21.56 -1.85
C ILE C 51 -2.73 -20.45 -2.72
N ASP C 52 -3.25 -20.28 -3.92
CA ASP C 52 -2.72 -19.26 -4.81
C ASP C 52 -2.87 -17.83 -4.16
N ARG C 53 -4.00 -17.61 -3.51
CA ARG C 53 -4.21 -16.28 -2.85
C ARG C 53 -3.21 -16.13 -1.70
N LEU C 54 -3.03 -17.19 -0.89
CA LEU C 54 -2.04 -17.14 0.15
C LEU C 54 -0.70 -16.73 -0.31
N TYR C 55 -0.28 -17.27 -1.44
CA TYR C 55 1.03 -16.95 -1.99
C TYR C 55 1.15 -15.53 -2.58
N ASP C 56 0.06 -15.08 -3.16
CA ASP C 56 -0.04 -13.70 -3.58
C ASP C 56 0.05 -12.71 -2.39
N CYS C 57 -0.72 -12.95 -1.35
CA CYS C 57 -0.62 -12.14 -0.16
C CYS C 57 0.76 -12.14 0.45
N ALA C 58 1.40 -13.31 0.54
CA ALA C 58 2.81 -13.40 0.98
C ALA C 58 3.72 -12.55 0.14
N ARG C 59 3.57 -12.60 -1.19
CA ARG C 59 4.37 -11.77 -2.08
C ARG C 59 4.17 -10.25 -1.86
N VAL C 60 2.93 -9.90 -1.61
CA VAL C 60 2.60 -8.50 -1.33
C VAL C 60 3.37 -8.00 -0.08
N ILE C 61 3.50 -8.83 0.97
CA ILE C 61 4.29 -8.46 2.15
C ILE C 61 5.75 -8.88 2.14
N ASP C 62 6.18 -9.28 0.95
CA ASP C 62 7.54 -9.67 0.69
C ASP C 62 8.01 -10.81 1.58
N LEU C 63 7.13 -11.77 1.83
CA LEU C 63 7.38 -12.95 2.66
C LEU C 63 7.49 -14.22 1.75
N LYS C 64 8.63 -14.91 1.80
CA LYS C 64 8.86 -16.17 1.02
C LYS C 64 8.35 -17.36 1.82
N ILE C 65 7.33 -18.04 1.30
CA ILE C 65 6.73 -19.17 1.98
C ILE C 65 7.71 -20.37 1.74
N PRO C 66 8.26 -21.01 2.80
CA PRO C 66 9.30 -22.06 2.62
C PRO C 66 8.77 -23.48 2.20
N LEU C 67 7.71 -23.53 1.41
CA LEU C 67 7.08 -24.74 0.81
C LEU C 67 6.65 -24.34 -0.56
N SER C 68 6.70 -25.29 -1.50
CA SER C 68 6.13 -25.11 -2.80
C SER C 68 4.61 -25.18 -2.58
N LYS C 69 3.89 -24.69 -3.58
CA LYS C 69 2.44 -24.80 -3.53
C LYS C 69 1.93 -26.24 -3.35
N GLU C 70 2.56 -27.19 -4.06
CA GLU C 70 2.12 -28.63 -3.93
C GLU C 70 2.34 -29.19 -2.54
N GLU C 71 3.51 -28.92 -1.99
CA GLU C 71 3.82 -29.27 -0.60
C GLU C 71 2.82 -28.65 0.36
N PHE C 72 2.36 -27.39 0.10
CA PHE C 72 1.38 -26.78 0.99
C PHE C 72 0.05 -27.49 0.96
N ALA C 73 -0.40 -27.80 -0.27
CA ALA C 73 -1.62 -28.63 -0.46
C ALA C 73 -1.48 -29.99 0.28
N GLU C 74 -0.34 -30.66 0.08
CA GLU C 74 -0.08 -32.00 0.81
C GLU C 74 -0.20 -31.82 2.30
N ALA C 75 0.43 -30.75 2.81
CA ALA C 75 0.39 -30.46 4.24
C ALA C 75 -0.99 -30.20 4.79
N ILE C 76 -1.82 -29.49 4.00
CA ILE C 76 -3.18 -29.27 4.43
C ILE C 76 -3.93 -30.64 4.49
N LEU C 77 -3.76 -31.38 3.40
CA LEU C 77 -4.44 -32.70 3.28
C LEU C 77 -3.98 -33.65 4.41
N GLU C 78 -2.68 -33.66 4.66
CA GLU C 78 -2.11 -34.55 5.72
C GLU C 78 -2.63 -34.14 7.06
N THR C 79 -2.89 -32.83 7.30
CA THR C 79 -3.36 -32.54 8.63
C THR C 79 -4.80 -32.82 8.85
N LEU C 80 -5.60 -32.73 7.79
CA LEU C 80 -6.97 -33.21 7.91
C LEU C 80 -7.04 -34.79 8.17
N ARG C 81 -6.23 -35.56 7.44
CA ARG C 81 -6.20 -37.07 7.60
C ARG C 81 -5.78 -37.44 9.00
N ARG C 82 -4.66 -36.87 9.45
CA ARG C 82 -4.19 -37.05 10.81
C ARG C 82 -5.22 -36.74 11.83
N ASN C 83 -6.15 -35.83 11.55
CA ASN C 83 -7.23 -35.57 12.48
C ASN C 83 -8.50 -36.32 12.16
N ASN C 84 -8.40 -37.17 11.14
CA ASN C 84 -9.54 -37.92 10.60
C ASN C 84 -10.82 -37.07 10.32
N LEU C 85 -10.60 -35.90 9.69
CA LEU C 85 -11.68 -34.92 9.44
C LEU C 85 -12.24 -35.09 8.04
N ARG C 86 -13.57 -34.92 7.94
CA ARG C 86 -14.24 -34.89 6.64
C ARG C 86 -14.99 -33.56 6.37
N ASP C 87 -15.58 -32.97 7.41
CA ASP C 87 -16.19 -31.66 7.38
C ASP C 87 -15.42 -30.74 8.35
N ALA C 88 -14.71 -29.76 7.80
CA ALA C 88 -13.77 -28.97 8.58
C ALA C 88 -13.62 -27.50 8.07
N TYR C 89 -13.23 -26.61 9.00
CA TYR C 89 -12.58 -25.33 8.67
C TYR C 89 -11.10 -25.41 8.89
N ILE C 90 -10.38 -24.99 7.87
CA ILE C 90 -8.94 -25.02 7.83
C ILE C 90 -8.40 -23.56 7.84
N ARG C 91 -7.46 -23.28 8.75
CA ARG C 91 -6.77 -21.97 8.84
C ARG C 91 -5.30 -22.11 8.68
N PRO C 92 -4.81 -22.06 7.45
CA PRO C 92 -3.39 -21.99 7.26
C PRO C 92 -2.81 -20.59 7.59
N ILE C 93 -1.60 -20.52 8.15
CA ILE C 93 -0.97 -19.23 8.55
C ILE C 93 0.50 -19.32 8.25
N VAL C 94 1.02 -18.29 7.61
CA VAL C 94 2.47 -18.18 7.40
C VAL C 94 2.94 -16.87 8.05
N THR C 95 3.90 -16.93 8.96
CA THR C 95 4.48 -15.68 9.57
C THR C 95 5.88 -15.42 9.16
N ARG C 96 6.31 -14.17 9.40
CA ARG C 96 7.69 -13.76 9.22
C ARG C 96 8.73 -14.59 10.04
N GLY C 97 8.28 -15.14 11.14
CA GLY C 97 9.19 -15.77 12.10
C GLY C 97 9.83 -14.76 13.05
N ALA C 98 10.75 -15.26 13.88
CA ALA C 98 11.50 -14.41 14.80
C ALA C 98 12.70 -13.75 14.18
N GLY C 99 13.10 -12.61 14.74
CA GLY C 99 14.25 -11.84 14.23
C GLY C 99 14.90 -11.02 15.35
N ASP C 100 15.24 -9.75 15.09
CA ASP C 100 15.58 -8.86 16.20
C ASP C 100 14.22 -8.38 16.75
N LEU C 101 14.23 -7.65 17.84
CA LEU C 101 12.99 -7.36 18.47
C LEU C 101 12.24 -6.30 17.66
N GLY C 102 12.94 -5.35 17.01
CA GLY C 102 12.42 -4.35 16.05
C GLY C 102 11.69 -4.90 14.81
N LEU C 103 11.19 -3.99 13.95
CA LEU C 103 10.35 -4.25 12.71
C LEU C 103 11.01 -4.91 11.53
N ASP C 104 12.32 -4.73 11.42
CA ASP C 104 13.03 -5.03 10.19
C ASP C 104 12.89 -6.50 9.75
N PRO C 105 12.15 -6.75 8.63
CA PRO C 105 11.95 -8.16 8.22
C PRO C 105 13.24 -8.82 7.66
N ARG C 106 14.25 -8.02 7.28
CA ARG C 106 15.49 -8.64 6.78
C ARG C 106 16.26 -9.42 7.83
N LYS C 107 15.93 -9.21 9.11
CA LYS C 107 16.61 -9.89 10.20
C LYS C 107 15.88 -11.16 10.60
N CYS C 108 14.91 -11.61 9.81
CA CYS C 108 14.01 -12.69 10.21
C CYS C 108 14.28 -13.81 9.22
N PRO C 109 15.09 -14.81 9.60
CA PRO C 109 15.54 -15.73 8.56
C PRO C 109 14.60 -16.85 8.29
N SER C 110 13.74 -17.20 9.22
CA SER C 110 12.91 -18.35 9.10
C SER C 110 11.41 -18.27 9.31
N PRO C 111 10.66 -18.15 8.22
CA PRO C 111 9.22 -18.10 8.36
C PRO C 111 8.65 -19.29 8.99
N ASN C 112 7.51 -19.13 9.54
CA ASN C 112 6.84 -20.12 10.29
C ASN C 112 5.55 -20.52 9.61
N VAL C 113 5.21 -21.81 9.54
CA VAL C 113 4.04 -22.30 8.84
C VAL C 113 3.20 -23.12 9.77
N ILE C 114 1.95 -22.70 9.91
CA ILE C 114 1.00 -23.28 10.86
C ILE C 114 -0.26 -23.70 10.10
N ILE C 115 -0.87 -24.85 10.44
CA ILE C 115 -2.16 -25.22 9.84
C ILE C 115 -3.06 -25.73 10.91
N ILE C 116 -4.15 -24.97 11.14
CA ILE C 116 -5.17 -25.32 12.07
C ILE C 116 -6.29 -25.93 11.28
N THR C 117 -6.83 -27.05 11.79
CA THR C 117 -8.08 -27.67 11.26
C THR C 117 -9.02 -27.91 12.44
N LYS C 118 -10.26 -27.46 12.28
CA LYS C 118 -11.29 -27.62 13.26
C LYS C 118 -12.49 -28.30 12.60
N PRO C 119 -13.19 -29.16 13.38
CA PRO C 119 -14.39 -29.75 12.83
C PRO C 119 -15.48 -28.71 12.62
N TRP C 120 -16.29 -28.94 11.60
CA TRP C 120 -17.49 -28.16 11.32
C TRP C 120 -18.76 -28.82 11.85
N LYS C 130 -34.32 -17.01 8.51
CA LYS C 130 -34.12 -15.68 9.14
C LYS C 130 -32.71 -15.19 8.81
N GLY C 131 -32.58 -13.92 8.46
CA GLY C 131 -31.24 -13.40 8.03
C GLY C 131 -30.46 -12.61 9.08
N LEU C 132 -29.33 -12.01 8.66
CA LEU C 132 -28.54 -11.18 9.57
C LEU C 132 -29.07 -9.76 9.62
N LYS C 133 -28.92 -9.13 10.76
CA LYS C 133 -29.18 -7.70 10.95
C LYS C 133 -27.78 -7.07 10.76
N ALA C 134 -27.65 -6.27 9.72
CA ALA C 134 -26.34 -5.61 9.44
C ALA C 134 -26.41 -4.15 9.85
N ILE C 135 -25.27 -3.62 10.30
CA ILE C 135 -25.20 -2.22 10.59
C ILE C 135 -23.97 -1.59 9.87
N THR C 136 -24.11 -0.34 9.43
CA THR C 136 -22.94 0.35 8.81
C THR C 136 -22.18 0.95 9.93
N VAL C 137 -20.87 0.87 9.84
CA VAL C 137 -20.03 1.31 10.90
C VAL C 137 -19.41 2.69 10.60
N ALA C 138 -19.02 3.39 11.66
CA ALA C 138 -18.32 4.69 11.56
C ALA C 138 -16.88 4.55 11.03
N ILE C 139 -16.21 3.49 11.45
CA ILE C 139 -14.85 3.22 11.00
C ILE C 139 -14.87 2.81 9.56
N ARG C 140 -13.92 3.34 8.77
CA ARG C 140 -13.78 3.00 7.36
C ARG C 140 -12.82 1.82 7.17
N ARG C 141 -12.91 1.19 6.03
CA ARG C 141 -11.97 0.06 5.71
C ARG C 141 -10.57 0.61 5.53
N ASN C 142 -9.57 -0.16 5.97
CA ASN C 142 -8.17 0.08 5.61
C ASN C 142 -8.02 0.53 4.17
N ALA C 143 -7.24 1.58 3.96
CA ALA C 143 -7.11 2.21 2.63
C ALA C 143 -6.21 1.39 1.75
N ILE C 144 -6.46 1.47 0.46
CA ILE C 144 -5.68 0.75 -0.55
C ILE C 144 -4.25 1.18 -0.62
N ASP C 145 -3.93 2.32 -0.09
CA ASP C 145 -2.52 2.73 -0.10
C ASP C 145 -1.95 2.96 1.31
N SER C 146 -2.58 2.32 2.30
CA SER C 146 -1.96 2.24 3.64
C SER C 146 -1.75 0.81 4.18
N LEU C 147 -2.83 0.02 4.10
CA LEU C 147 -2.78 -1.37 4.47
C LEU C 147 -3.74 -2.09 3.53
N PRO C 148 -3.29 -2.38 2.30
CA PRO C 148 -4.24 -2.85 1.30
C PRO C 148 -5.21 -3.91 1.80
N PRO C 149 -6.53 -3.67 1.67
CA PRO C 149 -7.43 -4.66 2.26
C PRO C 149 -7.46 -5.97 1.49
N ASN C 150 -6.94 -6.03 0.27
CA ASN C 150 -6.86 -7.34 -0.44
C ASN C 150 -5.88 -8.33 0.26
N ILE C 151 -5.01 -7.84 1.14
CA ILE C 151 -4.07 -8.71 1.88
C ILE C 151 -4.86 -9.39 2.97
N LYS C 152 -4.94 -10.72 2.94
CA LYS C 152 -5.57 -11.44 4.07
C LYS C 152 -4.46 -11.63 5.06
N SER C 153 -4.20 -10.62 5.92
CA SER C 153 -3.00 -10.59 6.77
C SER C 153 -3.34 -10.85 8.17
N LEU C 154 -2.33 -10.96 9.03
CA LEU C 154 -2.67 -11.08 10.45
C LEU C 154 -3.00 -9.70 11.09
N ASN C 155 -2.98 -8.60 10.30
CA ASN C 155 -3.45 -7.26 10.82
C ASN C 155 -4.95 -7.13 10.59
N TYR C 156 -5.77 -7.64 11.54
CA TYR C 156 -7.23 -7.64 11.45
C TYR C 156 -7.95 -6.75 12.44
N LEU C 157 -7.24 -5.82 13.01
CA LEU C 157 -7.84 -4.91 13.99
C LEU C 157 -8.82 -3.91 13.35
N ASN C 158 -8.61 -3.49 12.11
CA ASN C 158 -9.68 -2.72 11.39
C ASN C 158 -11.02 -3.50 11.41
N ASN C 159 -10.91 -4.77 11.15
CA ASN C 159 -12.07 -5.66 11.04
C ASN C 159 -12.70 -5.84 12.43
N ILE C 160 -11.85 -6.04 13.42
CA ILE C 160 -12.30 -6.20 14.80
C ILE C 160 -12.94 -4.96 15.38
N LEU C 161 -12.39 -3.80 15.07
CA LEU C 161 -13.05 -2.56 15.54
C LEU C 161 -14.44 -2.43 14.95
N ALA C 162 -14.61 -2.82 13.68
CA ALA C 162 -15.94 -2.81 13.09
C ALA C 162 -16.89 -3.78 13.78
N LYS C 163 -16.39 -4.97 14.06
CA LYS C 163 -17.19 -5.98 14.76
C LYS C 163 -17.66 -5.49 16.13
N ILE C 164 -16.80 -4.75 16.84
CA ILE C 164 -17.12 -4.21 18.15
C ILE C 164 -18.21 -3.18 18.04
N GLU C 165 -18.16 -2.34 16.98
CA GLU C 165 -19.26 -1.44 16.71
C GLU C 165 -20.57 -2.19 16.50
N ALA C 166 -20.57 -3.20 15.61
CA ALA C 166 -21.82 -3.94 15.34
C ALA C 166 -22.37 -4.61 16.60
N ASN C 167 -21.48 -5.17 17.41
CA ASN C 167 -21.90 -5.80 18.67
C ASN C 167 -22.58 -4.79 19.54
N ALA C 168 -22.11 -3.53 19.61
CA ALA C 168 -22.71 -2.55 20.49
C ALA C 168 -23.99 -1.98 19.93
N LYS C 169 -24.18 -2.05 18.61
CA LYS C 169 -25.18 -1.25 17.90
C LYS C 169 -26.30 -2.09 17.28
N GLY C 170 -26.43 -3.34 17.74
CA GLY C 170 -27.62 -4.17 17.45
C GLY C 170 -27.45 -4.97 16.19
N GLY C 171 -26.20 -5.16 15.79
CA GLY C 171 -25.93 -5.82 14.55
C GLY C 171 -25.30 -7.17 14.65
N ASP C 172 -25.69 -8.10 13.77
CA ASP C 172 -24.97 -9.35 13.59
C ASP C 172 -23.71 -9.21 12.76
N GLU C 173 -23.71 -8.24 11.86
CA GLU C 173 -22.63 -8.08 10.85
C GLU C 173 -22.39 -6.54 10.69
N ALA C 174 -21.13 -6.19 10.62
CA ALA C 174 -20.71 -4.80 10.39
C ALA C 174 -20.50 -4.64 8.88
N ILE C 175 -20.90 -3.49 8.31
CA ILE C 175 -20.64 -3.13 6.90
C ILE C 175 -19.76 -1.84 6.85
N PHE C 176 -18.62 -1.99 6.18
CA PHE C 176 -17.62 -0.94 6.00
C PHE C 176 -17.96 -0.14 4.72
N LEU C 177 -17.80 1.18 4.82
CA LEU C 177 -17.54 2.00 3.66
C LEU C 177 -16.04 2.19 3.57
N ASP C 178 -15.58 2.68 2.42
CA ASP C 178 -14.21 3.16 2.27
C ASP C 178 -14.15 4.71 2.41
N HIS C 179 -12.98 5.27 2.27
CA HIS C 179 -12.80 6.70 2.46
C HIS C 179 -13.55 7.55 1.43
N ASN C 180 -13.86 7.00 0.26
CA ASN C 180 -14.61 7.69 -0.78
C ASN C 180 -16.11 7.67 -0.52
N GLY C 181 -16.50 6.87 0.44
CA GLY C 181 -17.92 6.74 0.72
C GLY C 181 -18.51 5.56 0.01
N TYR C 182 -17.67 4.79 -0.72
CA TYR C 182 -18.19 3.63 -1.45
C TYR C 182 -18.41 2.50 -0.42
N ILE C 183 -19.40 1.65 -0.67
CA ILE C 183 -19.50 0.41 0.14
C ILE C 183 -18.28 -0.47 -0.17
N SER C 184 -17.74 -1.09 0.87
CA SER C 184 -16.59 -1.96 0.74
C SER C 184 -17.03 -3.44 0.88
N GLU C 185 -17.35 -3.85 2.09
CA GLU C 185 -17.65 -5.23 2.45
C GLU C 185 -18.08 -5.31 3.89
N GLY C 186 -18.45 -6.49 4.32
CA GLY C 186 -18.64 -6.78 5.76
C GLY C 186 -17.29 -6.93 6.42
N SER C 187 -17.29 -7.16 7.72
CA SER C 187 -16.04 -7.22 8.44
C SER C 187 -15.21 -8.42 8.06
N GLY C 188 -15.88 -9.50 7.62
CA GLY C 188 -15.23 -10.72 7.20
C GLY C 188 -15.81 -11.37 5.95
N ASP C 189 -16.64 -10.65 5.20
CA ASP C 189 -17.36 -11.21 4.05
C ASP C 189 -17.59 -10.15 3.00
N ASN C 190 -17.57 -10.52 1.73
CA ASN C 190 -17.98 -9.61 0.59
C ASN C 190 -19.46 -9.33 0.56
N ILE C 191 -19.89 -8.23 -0.10
CA ILE C 191 -21.31 -7.81 -0.05
C ILE C 191 -21.88 -7.76 -1.44
N PHE C 192 -23.14 -8.24 -1.58
CA PHE C 192 -23.86 -8.20 -2.85
C PHE C 192 -25.23 -7.57 -2.58
N ILE C 193 -25.74 -6.82 -3.58
CA ILE C 193 -27.10 -6.29 -3.48
C ILE C 193 -27.91 -6.74 -4.71
N VAL C 194 -29.23 -6.78 -4.53
CA VAL C 194 -30.18 -7.10 -5.63
C VAL C 194 -31.23 -6.02 -5.72
N LYS C 195 -31.41 -5.50 -6.92
CA LYS C 195 -32.43 -4.45 -7.10
C LYS C 195 -33.10 -4.59 -8.46
N ASN C 196 -34.44 -4.64 -8.46
CA ASN C 196 -35.20 -4.83 -9.73
C ASN C 196 -34.62 -5.95 -10.59
N GLY C 197 -34.22 -7.02 -9.90
CA GLY C 197 -33.61 -8.18 -10.55
C GLY C 197 -32.19 -8.12 -11.05
N THR C 198 -31.47 -7.02 -10.81
CA THR C 198 -30.06 -6.91 -11.21
C THR C 198 -29.21 -7.05 -9.92
N ILE C 199 -28.11 -7.81 -10.03
CA ILE C 199 -27.20 -8.00 -8.88
C ILE C 199 -26.01 -7.07 -9.10
N THR C 200 -25.66 -6.33 -8.04
CA THR C 200 -24.44 -5.51 -8.01
C THR C 200 -23.56 -5.90 -6.83
N THR C 201 -22.24 -5.88 -7.10
CA THR C 201 -21.23 -6.07 -6.04
C THR C 201 -20.06 -5.11 -6.30
N PRO C 202 -19.45 -4.59 -5.23
CA PRO C 202 -18.34 -3.71 -5.52
C PRO C 202 -17.16 -4.37 -6.25
N PRO C 203 -16.42 -3.62 -7.08
CA PRO C 203 -15.11 -4.08 -7.52
C PRO C 203 -14.27 -4.41 -6.24
N THR C 204 -13.37 -5.37 -6.36
CA THR C 204 -12.60 -5.88 -5.18
C THR C 204 -11.53 -4.98 -4.61
N LEU C 205 -11.14 -3.94 -5.35
CA LEU C 205 -10.01 -3.08 -4.97
C LEU C 205 -10.08 -2.60 -3.52
N ASN C 206 -11.24 -2.21 -3.06
CA ASN C 206 -11.37 -1.61 -1.73
C ASN C 206 -11.78 -2.60 -0.64
N ASN C 207 -11.83 -3.87 -0.99
CA ASN C 207 -12.25 -4.95 -0.10
C ASN C 207 -11.30 -6.14 -0.23
N LEU C 208 -11.77 -7.32 -0.61
CA LEU C 208 -10.87 -8.50 -0.66
C LEU C 208 -11.40 -9.39 -1.77
N LYS C 209 -10.52 -9.98 -2.57
CA LYS C 209 -10.95 -10.81 -3.71
C LYS C 209 -11.43 -12.18 -3.26
N GLY C 210 -12.63 -12.22 -2.74
CA GLY C 210 -13.20 -13.41 -2.10
C GLY C 210 -13.37 -14.57 -3.10
N ILE C 211 -12.98 -15.73 -2.66
CA ILE C 211 -13.22 -16.98 -3.44
C ILE C 211 -14.71 -17.31 -3.45
N THR C 212 -15.41 -17.11 -2.36
CA THR C 212 -16.82 -17.40 -2.34
C THR C 212 -17.55 -16.41 -3.30
N ARG C 213 -17.09 -15.17 -3.26
CA ARG C 213 -17.61 -14.11 -4.21
C ARG C 213 -17.41 -14.53 -5.61
N GLN C 214 -16.25 -15.10 -5.92
CA GLN C 214 -15.96 -15.54 -7.29
C GLN C 214 -16.88 -16.71 -7.68
N VAL C 215 -17.07 -17.66 -6.78
CA VAL C 215 -18.01 -18.76 -7.09
C VAL C 215 -19.40 -18.19 -7.37
N VAL C 216 -19.82 -17.25 -6.53
CA VAL C 216 -21.14 -16.67 -6.65
C VAL C 216 -21.34 -15.98 -7.97
N ILE C 217 -20.31 -15.28 -8.43
CA ILE C 217 -20.39 -14.61 -9.68
C ILE C 217 -20.54 -15.63 -10.82
N GLU C 218 -19.77 -16.71 -10.78
CA GLU C 218 -19.92 -17.80 -11.80
C GLU C 218 -21.33 -18.34 -11.84
N LEU C 219 -21.92 -18.54 -10.68
CA LEU C 219 -23.31 -18.98 -10.58
C LEU C 219 -24.31 -17.99 -11.18
N ILE C 220 -24.17 -16.72 -10.82
CA ILE C 220 -24.99 -15.66 -11.39
C ILE C 220 -24.95 -15.65 -12.91
N ASN C 221 -23.77 -15.78 -13.53
CA ASN C 221 -23.61 -15.77 -14.96
C ASN C 221 -24.17 -17.03 -15.63
N GLU C 222 -24.18 -18.15 -14.90
CA GLU C 222 -24.79 -19.40 -15.36
C GLU C 222 -26.33 -19.34 -15.25
N LEU C 223 -26.86 -18.75 -14.19
CA LEU C 223 -28.23 -18.42 -14.12
C LEU C 223 -28.66 -17.28 -15.02
N GLU C 224 -27.74 -16.70 -15.79
CA GLU C 224 -27.99 -15.49 -16.63
C GLU C 224 -28.77 -14.33 -15.91
N ILE C 225 -28.50 -14.11 -14.63
CA ILE C 225 -29.09 -13.00 -13.87
C ILE C 225 -28.26 -11.74 -14.21
N PRO C 226 -28.94 -10.64 -14.61
CA PRO C 226 -28.19 -9.42 -14.87
C PRO C 226 -27.29 -9.06 -13.63
N PHE C 227 -26.02 -8.73 -13.96
CA PHE C 227 -24.96 -8.50 -12.99
C PHE C 227 -24.04 -7.33 -13.34
N ARG C 228 -23.63 -6.57 -12.33
CA ARG C 228 -22.70 -5.45 -12.51
C ARG C 228 -21.69 -5.52 -11.36
N GLU C 229 -20.44 -5.24 -11.67
CA GLU C 229 -19.39 -4.99 -10.67
C GLU C 229 -19.25 -3.47 -10.73
N ALA C 230 -19.70 -2.76 -9.71
CA ALA C 230 -19.78 -1.30 -9.76
C ALA C 230 -19.76 -0.77 -8.36
N ASN C 231 -19.09 0.37 -8.17
CA ASN C 231 -19.16 0.97 -6.84
C ASN C 231 -20.59 1.41 -6.53
N ILE C 232 -20.95 1.30 -5.27
CA ILE C 232 -22.26 1.66 -4.75
C ILE C 232 -22.08 2.40 -3.45
N GLY C 233 -23.16 3.04 -3.03
CA GLY C 233 -23.20 3.80 -1.81
C GLY C 233 -24.36 3.48 -0.90
N LEU C 234 -24.49 4.29 0.17
CA LEU C 234 -25.63 4.14 1.10
C LEU C 234 -27.00 4.21 0.42
N PHE C 235 -27.16 5.02 -0.62
CA PHE C 235 -28.45 5.10 -1.30
C PHE C 235 -28.84 3.67 -1.81
N ASP C 236 -27.87 2.98 -2.37
CA ASP C 236 -28.05 1.64 -2.93
C ASP C 236 -28.34 0.63 -1.88
N LEU C 237 -27.64 0.66 -0.76
CA LEU C 237 -27.97 -0.29 0.32
C LEU C 237 -29.39 -0.11 0.87
N TYR C 238 -29.77 1.14 1.10
CA TYR C 238 -31.09 1.44 1.74
C TYR C 238 -32.27 1.35 0.78
N SER C 239 -32.03 1.15 -0.51
CA SER C 239 -33.12 0.98 -1.46
C SER C 239 -33.08 -0.43 -2.07
N ALA C 240 -32.13 -1.28 -1.65
CA ALA C 240 -31.95 -2.61 -2.25
C ALA C 240 -33.21 -3.51 -1.90
N ASP C 241 -33.61 -4.38 -2.85
CA ASP C 241 -34.67 -5.41 -2.62
C ASP C 241 -34.11 -6.53 -1.78
N GLU C 242 -32.85 -6.93 -2.05
CA GLU C 242 -32.17 -7.94 -1.27
C GLU C 242 -30.71 -7.54 -1.01
N ILE C 243 -30.20 -7.98 0.13
CA ILE C 243 -28.77 -7.96 0.42
C ILE C 243 -28.25 -9.33 0.93
N PHE C 244 -27.05 -9.70 0.52
CA PHE C 244 -26.37 -10.84 1.14
C PHE C 244 -24.89 -10.65 1.23
N VAL C 245 -24.26 -11.37 2.16
CA VAL C 245 -22.85 -11.38 2.24
C VAL C 245 -22.30 -12.77 1.96
N THR C 246 -21.03 -12.83 1.57
CA THR C 246 -20.32 -14.10 1.19
C THR C 246 -18.94 -14.30 1.80
N GLY C 247 -18.61 -15.55 2.18
CA GLY C 247 -17.28 -15.90 2.64
C GLY C 247 -17.22 -17.40 2.96
N THR C 248 -16.03 -17.90 3.16
CA THR C 248 -15.83 -19.35 3.32
C THR C 248 -16.61 -19.88 4.49
N ALA C 249 -16.59 -19.19 5.62
CA ALA C 249 -17.31 -19.70 6.78
C ALA C 249 -18.80 -19.45 6.71
N ALA C 250 -19.16 -18.25 6.32
CA ALA C 250 -20.56 -17.84 6.26
C ALA C 250 -21.32 -18.44 5.08
N GLU C 251 -20.58 -18.82 4.06
CA GLU C 251 -21.18 -19.22 2.77
C GLU C 251 -21.95 -18.02 2.19
N ILE C 252 -23.20 -18.19 1.79
CA ILE C 252 -24.04 -17.09 1.41
C ILE C 252 -24.99 -16.87 2.57
N ALA C 253 -24.91 -15.68 3.18
CA ALA C 253 -25.74 -15.29 4.29
C ALA C 253 -26.66 -14.12 3.96
N PRO C 254 -28.00 -14.32 4.05
CA PRO C 254 -28.91 -13.22 3.75
C PRO C 254 -28.84 -12.14 4.79
N VAL C 255 -28.95 -10.88 4.33
CA VAL C 255 -29.02 -9.74 5.24
C VAL C 255 -30.43 -9.12 5.09
N THR C 256 -31.21 -9.22 6.15
CA THR C 256 -32.66 -8.92 6.11
C THR C 256 -33.01 -7.61 6.78
N TYR C 257 -32.07 -7.07 7.56
CA TYR C 257 -32.19 -5.70 8.08
C TYR C 257 -30.87 -4.97 7.84
N ILE C 258 -30.96 -3.67 7.62
CA ILE C 258 -29.75 -2.80 7.44
C ILE C 258 -30.00 -1.52 8.20
N ASP C 259 -29.17 -1.25 9.20
CA ASP C 259 -29.35 -0.11 10.09
C ASP C 259 -30.81 -0.07 10.63
N GLY C 260 -31.34 -1.23 11.04
CA GLY C 260 -32.73 -1.31 11.51
C GLY C 260 -33.83 -1.25 10.47
N ARG C 261 -33.48 -0.93 9.22
CA ARG C 261 -34.43 -0.84 8.12
C ARG C 261 -34.67 -2.23 7.58
N THR C 262 -35.91 -2.56 7.28
CA THR C 262 -36.25 -3.89 6.73
C THR C 262 -35.84 -3.95 5.26
N VAL C 263 -35.15 -5.04 4.88
CA VAL C 263 -34.84 -5.30 3.51
C VAL C 263 -35.91 -6.28 2.96
N GLY C 264 -36.61 -5.86 1.90
CA GLY C 264 -37.72 -6.65 1.30
C GLY C 264 -38.80 -6.84 2.36
N ASN C 265 -39.26 -8.06 2.53
CA ASN C 265 -40.22 -8.36 3.62
C ASN C 265 -39.59 -8.74 4.95
N GLY C 266 -38.26 -8.70 5.04
CA GLY C 266 -37.57 -9.04 6.29
C GLY C 266 -37.18 -10.48 6.41
N LYS C 267 -37.30 -11.21 5.31
CA LYS C 267 -36.92 -12.58 5.25
C LYS C 267 -36.04 -12.66 4.01
N PRO C 268 -35.25 -13.71 3.91
CA PRO C 268 -34.36 -13.94 2.78
C PRO C 268 -35.06 -13.83 1.49
N GLY C 269 -34.50 -13.08 0.53
CA GLY C 269 -35.11 -12.95 -0.78
C GLY C 269 -34.93 -14.08 -1.75
N LYS C 270 -35.68 -13.99 -2.84
CA LYS C 270 -35.82 -15.09 -3.83
C LYS C 270 -34.49 -15.33 -4.50
N VAL C 271 -33.79 -14.26 -4.89
CA VAL C 271 -32.55 -14.45 -5.63
C VAL C 271 -31.45 -15.01 -4.68
N THR C 272 -31.44 -14.52 -3.48
CA THR C 272 -30.47 -14.98 -2.51
C THR C 272 -30.67 -16.50 -2.21
N LYS C 273 -31.91 -16.88 -1.91
CA LYS C 273 -32.23 -18.30 -1.60
C LYS C 273 -31.94 -19.21 -2.78
N MET C 274 -32.22 -18.78 -4.00
CA MET C 274 -31.78 -19.51 -5.18
C MET C 274 -30.26 -19.68 -5.26
N LEU C 275 -29.50 -18.63 -4.99
CA LEU C 275 -28.05 -18.80 -5.04
C LEU C 275 -27.51 -19.68 -3.89
N MET C 276 -28.09 -19.57 -2.71
CA MET C 276 -27.70 -20.41 -1.57
C MET C 276 -27.80 -21.91 -2.03
N GLU C 277 -28.90 -22.23 -2.72
CA GLU C 277 -29.15 -23.67 -3.16
C GLU C 277 -28.13 -24.04 -4.16
N LYS C 278 -27.84 -23.16 -5.15
CA LYS C 278 -26.82 -23.52 -6.13
C LYS C 278 -25.41 -23.61 -5.56
N PHE C 279 -25.12 -22.76 -4.59
CA PHE C 279 -23.84 -22.79 -3.99
C PHE C 279 -23.68 -24.15 -3.24
N ARG C 280 -24.65 -24.52 -2.42
CA ARG C 280 -24.68 -25.83 -1.69
C ARG C 280 -24.33 -26.98 -2.65
N GLU C 281 -24.92 -26.98 -3.85
CA GLU C 281 -24.66 -28.02 -4.88
C GLU C 281 -23.20 -28.04 -5.32
N ARG C 282 -22.60 -26.87 -5.51
CA ARG C 282 -21.21 -26.80 -5.87
C ARG C 282 -20.29 -27.37 -4.78
N THR C 283 -20.61 -27.12 -3.52
CA THR C 283 -19.80 -27.65 -2.43
C THR C 283 -19.92 -29.21 -2.31
N GLU C 284 -21.09 -29.76 -2.66
CA GLU C 284 -21.28 -31.23 -2.76
C GLU C 284 -20.50 -31.90 -3.92
N ASN C 285 -20.17 -31.19 -4.99
CA ASN C 285 -19.68 -31.79 -6.23
C ASN C 285 -18.25 -31.46 -6.61
N GLU C 286 -17.54 -30.64 -5.85
CA GLU C 286 -16.22 -30.17 -6.26
C GLU C 286 -15.30 -30.19 -5.04
N GLY C 287 -14.01 -30.31 -5.28
CA GLY C 287 -13.04 -30.33 -4.22
C GLY C 287 -11.97 -31.37 -4.38
N VAL C 288 -10.90 -31.24 -3.62
CA VAL C 288 -9.81 -32.19 -3.69
C VAL C 288 -10.08 -33.25 -2.60
N GLU C 289 -9.96 -34.52 -3.00
CA GLU C 289 -10.19 -35.63 -2.08
C GLU C 289 -9.10 -35.68 -1.04
N ILE C 290 -9.50 -35.77 0.20
CA ILE C 290 -8.60 -35.94 1.31
C ILE C 290 -8.08 -37.42 1.39
N TYR C 291 -8.93 -38.42 1.11
CA TYR C 291 -8.65 -39.86 1.45
C TYR C 291 -8.46 -40.77 0.24
#